data_2I4T
#
_entry.id   2I4T
#
_cell.length_a   155.765
_cell.length_b   155.765
_cell.length_c   102.612
_cell.angle_alpha   90.00
_cell.angle_beta   90.00
_cell.angle_gamma   120.00
#
_symmetry.space_group_name_H-M   'P 62'
#
loop_
_entity.id
_entity.type
_entity.pdbx_description
1 polymer 'Trichomonas vaginalis purine nucleoside phosphorylase'
2 non-polymer 'PHOSPHATE ION'
3 non-polymer 3,4-PYRROLIDINEDIOL,2-(4-AMINO-5H-PYRROLO[3,2-D]PYRIMIDIN-7-YL)-5-(HYDROXYMETHYL)-2S,3S,4R,5R
4 water water
#
_entity_poly.entity_id   1
_entity_poly.type   'polypeptide(L)'
_entity_poly.pdbx_seq_one_letter_code
;ATPHNSAQVGDFAETVLMCGDPLRAKLIAETYLENPKLVNNVRGIQGYTGTYKGKPISVMGHGMGLPSICIYAEELYSTY
KVKTIIRVGTCGAIDMDIHTRDIVIFTSAGTNSKINRIRFMDHDYPATASFDVVCALVDAAKELNIPAKVGKGFSTDLFY
NPQTELAQLMNKFHFLAVEMESAGLFPIADLYGARAGCICTVSDHILHHEETTAEERQNSFQNMMKIALEAAIKLH
;
_entity_poly.pdbx_strand_id   A,B,C
#
# COMPACT_ATOMS: atom_id res chain seq x y z
N ALA A 1 -14.09 -13.93 16.49
CA ALA A 1 -12.67 -13.96 16.94
C ALA A 1 -11.86 -12.64 16.80
N THR A 2 -12.24 -11.70 15.89
CA THR A 2 -11.70 -10.30 15.94
C THR A 2 -12.83 -9.29 15.81
N PRO A 3 -12.57 -8.00 16.04
CA PRO A 3 -13.71 -7.09 15.91
C PRO A 3 -14.23 -7.00 14.52
N HIS A 4 -13.43 -7.43 13.54
CA HIS A 4 -13.83 -7.27 12.13
C HIS A 4 -14.11 -8.59 11.41
N ASN A 5 -13.96 -9.69 12.14
CA ASN A 5 -13.99 -11.03 11.55
C ASN A 5 -14.60 -12.00 12.54
N SER A 6 -15.70 -12.61 12.18
CA SER A 6 -16.32 -13.56 13.09
C SER A 6 -15.96 -15.05 12.83
N ALA A 7 -14.93 -15.32 12.05
CA ALA A 7 -14.48 -16.67 11.76
C ALA A 7 -13.70 -17.20 12.95
N GLN A 8 -13.43 -18.50 13.01
CA GLN A 8 -12.45 -18.99 13.99
C GLN A 8 -11.26 -19.57 13.29
N VAL A 9 -10.24 -19.89 14.06
CA VAL A 9 -9.10 -20.54 13.45
C VAL A 9 -9.52 -21.77 12.65
N GLY A 10 -8.82 -21.99 11.55
CA GLY A 10 -9.18 -23.04 10.66
C GLY A 10 -10.06 -22.48 9.59
N ASP A 11 -11.00 -21.60 9.92
CA ASP A 11 -11.94 -21.10 8.92
C ASP A 11 -11.36 -20.49 7.63
N PHE A 12 -10.10 -20.03 7.61
CA PHE A 12 -9.57 -19.50 6.34
C PHE A 12 -8.56 -20.44 5.77
N ALA A 13 -8.50 -20.55 4.45
CA ALA A 13 -7.45 -21.34 3.82
C ALA A 13 -6.11 -20.64 4.00
N GLU A 14 -5.04 -21.26 3.54
CA GLU A 14 -3.74 -20.67 3.77
C GLU A 14 -3.51 -19.56 2.79
N THR A 15 -4.24 -19.60 1.68
CA THR A 15 -4.16 -18.60 0.63
C THR A 15 -5.50 -17.91 0.61
N VAL A 16 -5.50 -16.58 0.68
CA VAL A 16 -6.74 -15.84 0.64
C VAL A 16 -6.60 -14.84 -0.46
N LEU A 17 -7.55 -14.86 -1.39
CA LEU A 17 -7.63 -13.82 -2.41
C LEU A 17 -8.56 -12.72 -1.92
N MET A 18 -8.11 -11.47 -1.95
CA MET A 18 -8.90 -10.31 -1.44
C MET A 18 -9.06 -9.27 -2.49
N CYS A 19 -10.23 -8.70 -2.55
CA CYS A 19 -10.49 -7.61 -3.46
C CYS A 19 -11.28 -6.51 -2.68
N GLY A 20 -11.44 -5.32 -3.28
CA GLY A 20 -11.94 -4.16 -2.55
C GLY A 20 -13.43 -4.26 -2.32
N ASP A 21 -14.11 -4.65 -3.37
CA ASP A 21 -15.56 -4.81 -3.42
C ASP A 21 -16.10 -6.10 -2.78
N PRO A 22 -16.85 -5.99 -1.67
CA PRO A 22 -17.26 -7.24 -1.06
C PRO A 22 -18.21 -8.06 -2.01
N LEU A 23 -19.06 -7.40 -2.80
CA LEU A 23 -19.83 -8.13 -3.82
C LEU A 23 -18.99 -8.82 -4.93
N ARG A 24 -17.77 -8.35 -5.18
CA ARG A 24 -16.93 -9.01 -6.15
C ARG A 24 -16.43 -10.30 -5.49
N ALA A 25 -16.17 -10.23 -4.18
CA ALA A 25 -15.72 -11.37 -3.41
C ALA A 25 -16.78 -12.46 -3.51
N LYS A 26 -18.02 -12.08 -3.22
CA LYS A 26 -19.18 -12.94 -3.40
C LYS A 26 -19.26 -13.47 -4.81
N LEU A 27 -19.08 -12.62 -5.82
CA LEU A 27 -19.13 -13.11 -7.17
C LEU A 27 -18.06 -14.15 -7.41
N ILE A 28 -16.92 -14.06 -6.73
CA ILE A 28 -15.83 -14.99 -6.98
C ILE A 28 -16.15 -16.30 -6.29
N ALA A 29 -16.81 -16.18 -5.15
CA ALA A 29 -17.05 -17.35 -4.33
C ALA A 29 -18.05 -18.26 -5.05
N GLU A 30 -19.06 -17.64 -5.64
CA GLU A 30 -20.11 -18.34 -6.36
C GLU A 30 -19.66 -18.84 -7.72
N THR A 31 -18.68 -18.22 -8.32
CA THR A 31 -18.26 -18.60 -9.63
C THR A 31 -17.05 -19.45 -9.67
N TYR A 32 -16.13 -19.35 -8.72
CA TYR A 32 -14.89 -20.12 -8.89
C TYR A 32 -14.60 -21.11 -7.80
N LEU A 33 -15.22 -20.93 -6.65
CA LEU A 33 -14.94 -21.82 -5.57
C LEU A 33 -16.01 -22.87 -5.60
N GLU A 34 -15.68 -24.15 -5.44
CA GLU A 34 -16.76 -25.03 -5.05
C GLU A 34 -16.93 -25.19 -3.54
N ASN A 35 -18.21 -25.22 -3.17
CA ASN A 35 -18.68 -25.44 -1.82
C ASN A 35 -18.09 -24.48 -0.92
N PRO A 36 -18.45 -23.24 -1.18
CA PRO A 36 -18.15 -21.97 -0.61
C PRO A 36 -18.92 -21.95 0.66
N LYS A 37 -18.26 -21.72 1.79
CA LYS A 37 -18.93 -21.46 3.05
C LYS A 37 -18.65 -20.02 3.41
N LEU A 38 -19.69 -19.29 3.77
CA LEU A 38 -19.55 -17.96 4.23
C LEU A 38 -18.91 -18.05 5.60
N VAL A 39 -17.65 -17.63 5.77
CA VAL A 39 -17.03 -17.71 7.11
C VAL A 39 -17.00 -16.36 7.87
N ASN A 40 -17.29 -15.27 7.17
CA ASN A 40 -17.23 -13.93 7.78
C ASN A 40 -18.15 -12.97 7.09
N ASN A 41 -19.09 -12.36 7.80
CA ASN A 41 -19.85 -11.32 7.12
C ASN A 41 -19.95 -10.06 7.94
N VAL A 42 -19.02 -9.91 8.90
CA VAL A 42 -19.01 -8.69 9.67
C VAL A 42 -18.81 -7.55 8.71
N ARG A 43 -19.60 -6.49 8.90
CA ARG A 43 -19.52 -5.28 8.07
C ARG A 43 -19.81 -5.54 6.61
N GLY A 44 -20.48 -6.65 6.34
CA GLY A 44 -20.84 -7.01 4.98
C GLY A 44 -19.67 -7.44 4.11
N ILE A 45 -18.54 -7.84 4.70
CA ILE A 45 -17.28 -7.95 4.00
C ILE A 45 -17.12 -9.24 3.13
N GLN A 46 -18.06 -10.17 3.25
CA GLN A 46 -18.11 -11.36 2.42
C GLN A 46 -16.87 -12.26 2.34
N GLY A 47 -16.50 -12.90 3.43
CA GLY A 47 -15.41 -13.85 3.34
C GLY A 47 -15.90 -15.29 3.20
N TYR A 48 -15.36 -15.99 2.19
CA TYR A 48 -15.70 -17.37 1.95
C TYR A 48 -14.50 -18.27 1.89
N THR A 49 -14.71 -19.50 2.31
CA THR A 49 -13.73 -20.55 2.06
C THR A 49 -14.37 -21.67 1.22
N GLY A 50 -13.58 -22.21 0.29
CA GLY A 50 -13.97 -23.37 -0.51
C GLY A 50 -12.76 -24.01 -1.17
N THR A 51 -12.96 -24.55 -2.36
CA THR A 51 -11.82 -25.14 -3.00
C THR A 51 -11.80 -24.80 -4.48
N TYR A 52 -10.65 -25.02 -5.09
CA TYR A 52 -10.54 -24.76 -6.48
C TYR A 52 -9.56 -25.83 -7.01
N LYS A 53 -10.07 -26.74 -7.85
CA LYS A 53 -9.25 -27.90 -8.29
C LYS A 53 -8.64 -28.69 -7.14
N GLY A 54 -9.49 -28.98 -6.15
CA GLY A 54 -9.10 -29.75 -4.99
C GLY A 54 -8.30 -28.99 -3.94
N LYS A 55 -7.68 -27.88 -4.34
CA LYS A 55 -6.92 -27.05 -3.39
C LYS A 55 -7.82 -26.07 -2.64
N PRO A 56 -7.57 -25.94 -1.32
CA PRO A 56 -8.31 -25.00 -0.44
C PRO A 56 -8.00 -23.51 -0.78
N ILE A 57 -9.04 -22.66 -0.75
CA ILE A 57 -8.89 -21.27 -1.15
C ILE A 57 -9.92 -20.39 -0.47
N SER A 58 -9.54 -19.18 -0.05
CA SER A 58 -10.56 -18.27 0.49
C SER A 58 -10.61 -17.00 -0.35
N VAL A 59 -11.67 -16.23 -0.16
CA VAL A 59 -11.78 -14.96 -0.78
C VAL A 59 -12.52 -14.01 0.19
N MET A 60 -12.13 -12.75 0.27
CA MET A 60 -12.82 -11.80 1.19
C MET A 60 -12.65 -10.39 0.66
N GLY A 61 -13.52 -9.46 1.03
CA GLY A 61 -13.30 -8.10 0.61
C GLY A 61 -12.31 -7.46 1.56
N HIS A 62 -11.65 -6.36 1.15
CA HIS A 62 -10.87 -5.53 2.08
C HIS A 62 -11.30 -4.07 2.24
N GLY A 63 -12.36 -3.62 1.58
CA GLY A 63 -12.63 -2.18 1.56
C GLY A 63 -11.62 -1.36 0.72
N MET A 64 -11.84 -0.07 0.60
CA MET A 64 -10.94 0.75 -0.20
C MET A 64 -9.94 1.43 0.68
N GLY A 65 -8.64 1.34 0.37
CA GLY A 65 -7.63 2.13 1.07
C GLY A 65 -6.74 1.40 2.06
N LEU A 66 -5.50 1.89 2.20
CA LEU A 66 -4.53 1.26 3.10
C LEU A 66 -5.16 1.02 4.45
N PRO A 67 -5.81 2.03 5.02
CA PRO A 67 -6.23 1.73 6.38
C PRO A 67 -7.09 0.47 6.52
N SER A 68 -8.00 0.25 5.57
CA SER A 68 -8.89 -0.89 5.63
C SER A 68 -8.15 -2.20 5.34
N ILE A 69 -7.34 -2.24 4.28
CA ILE A 69 -6.70 -3.48 4.02
C ILE A 69 -5.72 -3.77 5.16
N CYS A 70 -5.22 -2.73 5.86
CA CYS A 70 -4.33 -2.96 7.02
C CYS A 70 -5.03 -3.67 8.17
N ILE A 71 -6.31 -3.39 8.36
CA ILE A 71 -7.03 -4.06 9.38
C ILE A 71 -7.16 -5.53 8.95
N TYR A 72 -7.63 -5.80 7.73
CA TYR A 72 -7.99 -7.17 7.43
C TYR A 72 -6.72 -8.02 7.19
N ALA A 73 -5.71 -7.49 6.50
CA ALA A 73 -4.53 -8.28 6.27
C ALA A 73 -3.85 -8.64 7.61
N GLU A 74 -3.78 -7.74 8.56
CA GLU A 74 -3.03 -8.08 9.78
C GLU A 74 -3.75 -9.17 10.55
N GLU A 75 -5.08 -9.00 10.68
CA GLU A 75 -5.96 -10.00 11.27
C GLU A 75 -5.76 -11.38 10.60
N LEU A 76 -5.79 -11.46 9.26
CA LEU A 76 -5.61 -12.77 8.65
C LEU A 76 -4.23 -13.37 9.00
N TYR A 77 -3.15 -12.63 8.85
CA TYR A 77 -1.83 -13.22 9.03
C TYR A 77 -1.59 -13.60 10.49
N SER A 78 -2.30 -12.94 11.38
CA SER A 78 -1.95 -12.97 12.77
C SER A 78 -2.90 -13.87 13.54
N THR A 79 -4.17 -13.51 13.62
CA THR A 79 -5.16 -14.43 14.12
C THR A 79 -5.41 -15.72 13.32
N TYR A 80 -5.61 -15.64 12.01
CA TYR A 80 -6.01 -16.82 11.20
C TYR A 80 -4.85 -17.61 10.58
N LYS A 81 -3.62 -17.21 10.79
CA LYS A 81 -2.50 -18.00 10.26
C LYS A 81 -2.45 -18.13 8.75
N VAL A 82 -3.06 -17.20 8.00
CA VAL A 82 -2.96 -17.20 6.53
C VAL A 82 -1.50 -17.13 6.08
N LYS A 83 -1.14 -17.67 4.92
CA LYS A 83 0.29 -17.65 4.56
C LYS A 83 0.55 -16.72 3.39
N THR A 84 -0.50 -16.52 2.61
CA THR A 84 -0.43 -15.86 1.31
C THR A 84 -1.73 -15.11 1.08
N ILE A 85 -1.67 -13.84 0.67
CA ILE A 85 -2.84 -13.08 0.31
C ILE A 85 -2.50 -12.48 -1.02
N ILE A 86 -3.29 -12.79 -2.04
CA ILE A 86 -3.20 -12.13 -3.33
C ILE A 86 -4.34 -11.10 -3.48
N ARG A 87 -3.98 -9.83 -3.67
CA ARG A 87 -5.00 -8.85 -4.03
C ARG A 87 -5.42 -9.11 -5.46
N VAL A 88 -6.72 -9.13 -5.70
CA VAL A 88 -7.19 -9.15 -7.09
C VAL A 88 -8.07 -7.94 -7.36
N GLY A 89 -7.49 -6.92 -7.93
CA GLY A 89 -8.19 -5.64 -7.98
C GLY A 89 -8.40 -5.00 -9.36
N THR A 90 -8.79 -3.73 -9.32
CA THR A 90 -8.80 -2.89 -10.52
C THR A 90 -7.85 -1.73 -10.26
N CYS A 91 -7.37 -1.07 -11.30
CA CYS A 91 -6.44 0.04 -11.12
C CYS A 91 -6.61 1.03 -12.25
N GLY A 92 -6.13 2.27 -12.09
CA GLY A 92 -6.08 3.23 -13.21
C GLY A 92 -4.71 3.17 -13.87
N ALA A 93 -4.63 3.00 -15.18
CA ALA A 93 -3.31 2.92 -15.81
C ALA A 93 -2.67 4.28 -15.90
N ILE A 94 -1.34 4.24 -15.89
CA ILE A 94 -0.51 5.45 -16.00
C ILE A 94 0.43 5.41 -17.19
N ASP A 95 1.33 4.44 -17.16
CA ASP A 95 2.20 4.21 -18.26
C ASP A 95 1.36 4.23 -19.53
N MET A 96 1.87 4.95 -20.54
CA MET A 96 1.13 5.26 -21.76
C MET A 96 0.93 4.04 -22.64
N ASP A 97 1.76 3.03 -22.43
CA ASP A 97 1.59 1.77 -23.17
C ASP A 97 0.68 0.71 -22.54
N ILE A 98 0.01 1.06 -21.43
CA ILE A 98 -0.95 0.19 -20.77
C ILE A 98 -2.35 0.70 -21.09
N HIS A 99 -3.25 -0.23 -21.42
CA HIS A 99 -4.59 0.15 -21.85
C HIS A 99 -5.67 -0.53 -21.06
N THR A 100 -6.89 -0.01 -21.17
CA THR A 100 -8.00 -0.55 -20.43
C THR A 100 -8.16 -2.05 -20.55
N ARG A 101 -8.40 -2.70 -19.41
CA ARG A 101 -8.59 -4.15 -19.39
C ARG A 101 -7.31 -4.95 -19.61
N ASP A 102 -6.17 -4.29 -19.50
CA ASP A 102 -4.88 -4.94 -19.69
C ASP A 102 -4.68 -5.51 -18.30
N ILE A 103 -3.77 -6.45 -18.13
CA ILE A 103 -3.57 -6.97 -16.81
C ILE A 103 -2.21 -6.67 -16.26
N VAL A 104 -2.18 -6.10 -15.05
CA VAL A 104 -0.93 -5.70 -14.46
C VAL A 104 -0.64 -6.52 -13.23
N ILE A 105 0.63 -6.87 -13.06
CA ILE A 105 1.12 -7.66 -11.91
C ILE A 105 2.17 -6.81 -11.23
N PHE A 106 2.02 -6.61 -9.91
CA PHE A 106 2.85 -5.64 -9.20
C PHE A 106 4.08 -6.20 -8.56
N THR A 107 5.25 -5.68 -8.91
CA THR A 107 6.50 -6.06 -8.23
C THR A 107 6.56 -5.36 -6.89
N SER A 108 5.95 -4.19 -6.83
CA SER A 108 5.99 -3.42 -5.62
C SER A 108 5.10 -2.19 -5.75
N ALA A 109 4.95 -1.40 -4.69
CA ALA A 109 4.01 -0.27 -4.78
C ALA A 109 4.47 0.99 -4.06
N GLY A 110 4.59 2.10 -4.76
CA GLY A 110 4.80 3.36 -4.12
C GLY A 110 3.56 3.80 -3.31
N THR A 111 3.71 4.87 -2.56
CA THR A 111 2.54 5.33 -1.84
C THR A 111 2.71 6.77 -1.36
N ASN A 112 1.56 7.46 -1.27
CA ASN A 112 1.48 8.66 -0.47
C ASN A 112 0.85 8.57 0.93
N SER A 113 0.58 7.35 1.44
CA SER A 113 0.09 7.19 2.81
C SER A 113 1.27 7.55 3.79
N LYS A 114 1.02 7.77 5.10
CA LYS A 114 2.13 7.93 6.07
C LYS A 114 2.35 6.64 6.81
N ILE A 115 1.48 5.61 6.58
CA ILE A 115 1.52 4.32 7.28
C ILE A 115 2.93 3.64 7.27
N ASN A 116 3.57 3.50 6.13
CA ASN A 116 4.85 2.83 6.30
C ASN A 116 5.94 3.71 6.94
N ARG A 117 5.81 5.03 6.80
CA ARG A 117 6.72 5.91 7.51
C ARG A 117 6.54 5.72 9.05
N ILE A 118 5.29 5.56 9.51
CA ILE A 118 5.02 5.27 10.88
C ILE A 118 5.57 3.89 11.25
N ARG A 119 5.42 2.87 10.41
CA ARG A 119 5.96 1.55 10.74
C ARG A 119 7.50 1.53 10.69
N PHE A 120 8.16 2.50 10.06
CA PHE A 120 9.54 2.29 9.74
C PHE A 120 10.48 3.50 10.02
N MET A 121 10.28 4.17 11.18
CA MET A 121 11.16 5.21 11.71
C MET A 121 11.38 6.33 10.74
N ASP A 122 10.30 6.59 10.03
CA ASP A 122 10.20 7.70 9.12
C ASP A 122 11.13 7.58 7.94
N HIS A 123 11.61 6.36 7.70
CA HIS A 123 12.43 6.07 6.52
C HIS A 123 11.60 5.53 5.34
N ASP A 124 12.27 5.28 4.21
CA ASP A 124 11.55 4.82 2.99
C ASP A 124 11.49 3.30 3.05
N TYR A 125 10.30 2.74 3.26
CA TYR A 125 10.19 1.27 3.24
C TYR A 125 9.77 0.87 1.86
N PRO A 126 10.47 -0.08 1.24
CA PRO A 126 10.02 -0.37 -0.16
C PRO A 126 8.94 -1.50 -0.09
N ALA A 127 7.66 -1.15 -0.21
CA ALA A 127 6.63 -2.15 -0.27
C ALA A 127 6.79 -3.05 -1.51
N THR A 128 7.29 -4.26 -1.32
CA THR A 128 7.60 -5.21 -2.43
C THR A 128 6.67 -6.42 -2.38
N ALA A 129 6.09 -6.89 -3.49
CA ALA A 129 5.33 -8.15 -3.43
C ALA A 129 6.34 -9.24 -3.19
N SER A 130 5.97 -10.35 -2.59
CA SER A 130 6.91 -11.47 -2.46
C SER A 130 7.31 -12.02 -3.83
N PHE A 131 8.59 -12.33 -4.02
CA PHE A 131 9.12 -12.93 -5.28
C PHE A 131 8.40 -14.20 -5.81
N ASP A 132 8.22 -15.20 -4.93
CA ASP A 132 7.47 -16.41 -5.23
C ASP A 132 6.17 -16.06 -5.94
N VAL A 133 5.40 -15.19 -5.30
CA VAL A 133 4.08 -14.87 -5.76
C VAL A 133 4.15 -14.13 -7.09
N VAL A 134 5.01 -13.13 -7.20
CA VAL A 134 5.11 -12.46 -8.51
C VAL A 134 5.37 -13.51 -9.57
N CYS A 135 6.26 -14.44 -9.27
CA CYS A 135 6.63 -15.50 -10.21
C CYS A 135 5.45 -16.41 -10.52
N ALA A 136 4.73 -16.80 -9.47
CA ALA A 136 3.61 -17.67 -9.68
C ALA A 136 2.56 -16.94 -10.56
N LEU A 137 2.39 -15.64 -10.39
CA LEU A 137 1.39 -15.01 -11.17
C LEU A 137 1.86 -14.96 -12.64
N VAL A 138 3.17 -14.77 -12.83
CA VAL A 138 3.71 -14.63 -14.18
C VAL A 138 3.67 -15.96 -14.93
N ASP A 139 3.97 -17.04 -14.22
CA ASP A 139 3.86 -18.41 -14.73
C ASP A 139 2.41 -18.75 -15.07
N ALA A 140 1.49 -18.50 -14.15
CA ALA A 140 0.09 -18.74 -14.43
C ALA A 140 -0.34 -18.04 -15.70
N ALA A 141 0.03 -16.78 -15.83
CA ALA A 141 -0.48 -16.02 -16.95
C ALA A 141 0.11 -16.54 -18.26
N LYS A 142 1.30 -17.14 -18.22
CA LYS A 142 1.93 -17.68 -19.42
C LYS A 142 1.36 -19.05 -19.85
N GLU A 143 1.06 -19.87 -18.86
CA GLU A 143 0.37 -21.11 -19.07
C GLU A 143 -1.03 -20.95 -19.64
N LEU A 144 -1.67 -19.82 -19.38
CA LEU A 144 -3.05 -19.61 -19.75
C LEU A 144 -3.20 -18.66 -20.93
N ASN A 145 -2.07 -18.24 -21.48
CA ASN A 145 -2.04 -17.27 -22.60
C ASN A 145 -2.75 -15.94 -22.37
N ILE A 146 -2.63 -15.39 -21.17
CA ILE A 146 -3.13 -14.06 -20.88
C ILE A 146 -1.90 -13.14 -20.71
N PRO A 147 -1.86 -12.07 -21.50
CA PRO A 147 -0.62 -11.27 -21.37
C PRO A 147 -0.73 -10.35 -20.12
N ALA A 148 0.39 -10.12 -19.44
CA ALA A 148 0.38 -9.44 -18.18
C ALA A 148 1.61 -8.60 -18.10
N LYS A 149 1.47 -7.29 -17.90
CA LYS A 149 2.66 -6.46 -17.59
C LYS A 149 3.13 -6.61 -16.12
N VAL A 150 4.44 -6.56 -15.89
CA VAL A 150 5.00 -6.61 -14.55
C VAL A 150 5.68 -5.26 -14.17
N GLY A 151 5.46 -4.73 -12.97
CA GLY A 151 6.00 -3.41 -12.69
C GLY A 151 5.55 -2.78 -11.38
N LYS A 152 6.04 -1.57 -11.13
CA LYS A 152 5.70 -0.81 -9.88
C LYS A 152 4.25 -0.38 -9.96
N GLY A 153 3.52 -0.42 -8.86
CA GLY A 153 2.23 0.27 -8.88
C GLY A 153 2.31 1.42 -7.89
N PHE A 154 1.22 2.12 -7.70
CA PHE A 154 1.19 3.18 -6.75
C PHE A 154 -0.16 3.22 -6.04
N SER A 155 -0.13 3.26 -4.71
CA SER A 155 -1.31 3.22 -3.88
C SER A 155 -1.51 4.60 -3.32
N THR A 156 -2.55 5.32 -3.76
CA THR A 156 -2.83 6.65 -3.28
C THR A 156 -3.88 6.64 -2.15
N ASP A 157 -3.79 7.61 -1.24
CA ASP A 157 -4.75 7.76 -0.21
C ASP A 157 -5.97 8.50 -0.77
N LEU A 158 -5.76 9.10 -1.94
CA LEU A 158 -6.64 10.12 -2.43
C LEU A 158 -7.02 9.77 -3.85
N PHE A 159 -8.26 9.28 -4.02
CA PHE A 159 -8.74 8.83 -5.32
C PHE A 159 -8.88 10.07 -6.21
N TYR A 160 -9.53 11.10 -5.69
CA TYR A 160 -9.51 12.41 -6.30
C TYR A 160 -8.32 13.15 -5.75
N ASN A 161 -7.26 13.16 -6.53
CA ASN A 161 -5.96 13.59 -6.04
C ASN A 161 -5.75 15.06 -6.33
N PRO A 162 -5.72 15.91 -5.29
CA PRO A 162 -5.55 17.32 -5.65
C PRO A 162 -4.13 17.55 -6.18
N GLN A 163 -3.17 16.66 -5.91
CA GLN A 163 -1.86 16.80 -6.61
C GLN A 163 -1.84 16.47 -8.10
N THR A 164 -2.20 17.42 -8.92
CA THR A 164 -2.52 17.06 -10.29
C THR A 164 -1.27 16.77 -11.09
N GLU A 165 -0.12 17.25 -10.69
CA GLU A 165 1.06 16.91 -11.45
C GLU A 165 1.72 15.59 -11.05
N LEU A 166 1.05 14.81 -10.21
CA LEU A 166 1.62 13.52 -9.77
C LEU A 166 1.59 12.38 -10.81
N ALA A 167 0.47 12.33 -11.53
CA ALA A 167 0.21 11.38 -12.61
C ALA A 167 1.37 11.40 -13.59
N GLN A 168 1.63 12.58 -14.15
CA GLN A 168 2.76 12.73 -15.05
C GLN A 168 4.09 12.25 -14.48
N LEU A 169 4.35 12.55 -13.21
CA LEU A 169 5.64 12.25 -12.60
C LEU A 169 5.78 10.74 -12.53
N MET A 170 4.66 10.10 -12.19
CA MET A 170 4.69 8.65 -12.08
C MET A 170 4.97 8.07 -13.48
N ASN A 171 4.43 8.75 -14.48
CA ASN A 171 4.60 8.29 -15.81
C ASN A 171 6.07 8.40 -16.17
N LYS A 172 6.63 9.56 -15.91
CA LYS A 172 8.03 9.75 -16.12
C LYS A 172 8.88 8.67 -15.47
N PHE A 173 8.45 8.07 -14.36
CA PHE A 173 9.24 6.99 -13.70
C PHE A 173 8.75 5.57 -13.98
N HIS A 174 7.78 5.44 -14.93
CA HIS A 174 7.30 4.14 -15.45
C HIS A 174 6.56 3.28 -14.40
N PHE A 175 5.73 3.96 -13.60
CA PHE A 175 4.78 3.27 -12.77
C PHE A 175 3.74 2.75 -13.75
N LEU A 176 3.31 1.51 -13.60
CA LEU A 176 2.30 1.01 -14.49
C LEU A 176 0.98 1.67 -14.14
N ALA A 177 0.56 1.55 -12.87
CA ALA A 177 -0.83 1.81 -12.49
C ALA A 177 -1.01 2.24 -11.04
N VAL A 178 -2.16 2.86 -10.75
CA VAL A 178 -2.56 3.35 -9.43
C VAL A 178 -3.72 2.52 -8.87
N GLU A 179 -3.58 2.02 -7.66
CA GLU A 179 -4.76 1.53 -6.93
C GLU A 179 -4.63 2.10 -5.53
N MET A 180 -5.20 1.49 -4.51
CA MET A 180 -5.25 2.20 -3.22
C MET A 180 -4.99 1.26 -2.03
N GLU A 181 -4.27 0.15 -2.25
CA GLU A 181 -4.13 -0.88 -1.19
C GLU A 181 -2.80 -1.63 -1.13
N SER A 182 -2.18 -1.92 -2.26
CA SER A 182 -0.98 -2.73 -2.18
C SER A 182 0.12 -2.20 -1.23
N ALA A 183 0.34 -0.88 -1.19
CA ALA A 183 1.46 -0.38 -0.38
C ALA A 183 1.27 -0.79 1.10
N GLY A 184 0.03 -1.10 1.50
CA GLY A 184 -0.25 -1.48 2.88
C GLY A 184 -0.10 -2.97 3.15
N LEU A 185 -0.60 -3.79 2.23
CA LEU A 185 -0.45 -5.23 2.30
C LEU A 185 1.01 -5.68 2.41
N PHE A 186 1.89 -5.18 1.53
CA PHE A 186 3.21 -5.84 1.44
C PHE A 186 3.96 -5.80 2.74
N PRO A 187 4.05 -4.60 3.37
CA PRO A 187 4.91 -4.62 4.55
C PRO A 187 4.30 -5.42 5.70
N ILE A 188 2.99 -5.53 5.79
CA ILE A 188 2.40 -6.39 6.81
C ILE A 188 2.75 -7.88 6.63
N ALA A 189 2.96 -8.30 5.39
CA ALA A 189 3.22 -9.71 5.16
C ALA A 189 4.65 -9.96 5.59
N ASP A 190 5.53 -9.04 5.21
CA ASP A 190 6.90 -9.09 5.68
C ASP A 190 6.91 -9.17 7.20
N LEU A 191 6.07 -8.40 7.86
CA LEU A 191 6.08 -8.40 9.29
C LEU A 191 5.69 -9.75 9.84
N TYR A 192 4.78 -10.47 9.22
CA TYR A 192 4.42 -11.80 9.74
C TYR A 192 5.15 -12.89 9.00
N GLY A 193 6.26 -12.50 8.39
CA GLY A 193 7.00 -13.48 7.62
C GLY A 193 6.08 -14.29 6.72
N ALA A 194 5.01 -13.69 6.21
CA ALA A 194 4.14 -14.36 5.25
C ALA A 194 4.41 -13.83 3.83
N ARG A 195 3.56 -14.18 2.87
CA ARG A 195 3.72 -13.70 1.48
C ARG A 195 2.52 -12.89 1.02
N ALA A 196 2.77 -11.97 0.09
CA ALA A 196 1.72 -11.17 -0.54
C ALA A 196 2.07 -10.79 -1.97
N GLY A 197 1.03 -10.54 -2.75
CA GLY A 197 1.21 -10.11 -4.14
C GLY A 197 -0.08 -9.45 -4.59
N CYS A 198 -0.02 -8.84 -5.75
CA CYS A 198 -1.18 -8.15 -6.19
C CYS A 198 -1.29 -8.21 -7.70
N ILE A 199 -2.50 -8.49 -8.20
CA ILE A 199 -2.74 -8.56 -9.64
C ILE A 199 -3.96 -7.73 -9.96
N CYS A 200 -3.92 -7.00 -11.06
CA CYS A 200 -4.99 -6.06 -11.33
C CYS A 200 -5.40 -5.97 -12.75
N THR A 201 -6.54 -5.35 -12.93
CA THR A 201 -7.12 -5.19 -14.24
C THR A 201 -7.32 -3.69 -14.44
N VAL A 202 -6.97 -3.20 -15.62
CA VAL A 202 -7.04 -1.78 -15.84
C VAL A 202 -8.42 -1.34 -16.15
N SER A 203 -9.05 -0.64 -15.23
CA SER A 203 -10.41 -0.30 -15.51
C SER A 203 -10.58 1.10 -16.12
N ASP A 204 -9.49 1.80 -16.39
CA ASP A 204 -9.53 3.23 -16.80
C ASP A 204 -8.10 3.76 -16.94
N HIS A 205 -7.87 4.79 -17.75
CA HIS A 205 -6.54 5.36 -17.86
C HIS A 205 -6.49 6.73 -17.15
N ILE A 206 -5.49 7.02 -16.33
CA ILE A 206 -5.56 8.34 -15.69
C ILE A 206 -4.96 9.41 -16.62
N LEU A 207 -4.13 9.00 -17.56
CA LEU A 207 -3.54 9.98 -18.44
C LEU A 207 -4.41 10.34 -19.67
N HIS A 208 -5.51 9.62 -19.93
CA HIS A 208 -6.40 10.03 -21.02
C HIS A 208 -7.66 9.17 -21.11
N HIS A 209 -8.84 9.78 -20.99
CA HIS A 209 -10.13 9.05 -21.07
C HIS A 209 -10.10 7.69 -21.78
N GLU A 210 -10.59 6.65 -21.11
CA GLU A 210 -10.60 5.33 -21.72
C GLU A 210 -11.64 4.41 -21.10
N ARG A 217 -14.58 -5.73 -20.26
CA ARG A 217 -14.70 -5.86 -18.82
C ARG A 217 -14.70 -7.32 -18.40
N GLN A 218 -15.85 -7.84 -17.99
CA GLN A 218 -15.89 -9.24 -17.59
C GLN A 218 -14.69 -10.02 -18.11
N ASN A 219 -14.54 -10.13 -19.42
CA ASN A 219 -13.38 -10.88 -19.95
C ASN A 219 -12.10 -10.66 -19.16
N SER A 220 -11.79 -9.38 -18.97
CA SER A 220 -10.69 -8.96 -18.15
C SER A 220 -10.80 -9.51 -16.75
N PHE A 221 -11.91 -9.25 -16.07
CA PHE A 221 -12.04 -9.73 -14.72
C PHE A 221 -11.79 -11.23 -14.66
N GLN A 222 -12.42 -11.95 -15.57
CA GLN A 222 -12.38 -13.40 -15.69
C GLN A 222 -10.91 -13.79 -15.89
N ASN A 223 -10.23 -13.10 -16.79
CA ASN A 223 -8.84 -13.42 -17.04
C ASN A 223 -7.96 -13.29 -15.82
N MET A 224 -8.11 -12.18 -15.10
CA MET A 224 -7.36 -12.01 -13.89
C MET A 224 -7.67 -13.10 -12.86
N MET A 225 -8.95 -13.42 -12.66
CA MET A 225 -9.32 -14.42 -11.67
C MET A 225 -8.62 -15.77 -11.94
N LYS A 226 -8.59 -16.18 -13.21
CA LYS A 226 -7.95 -17.42 -13.56
C LYS A 226 -6.48 -17.36 -13.20
N ILE A 227 -5.82 -16.28 -13.57
CA ILE A 227 -4.40 -16.14 -13.28
C ILE A 227 -4.16 -16.17 -11.76
N ALA A 228 -4.96 -15.43 -11.03
CA ALA A 228 -4.82 -15.48 -9.60
C ALA A 228 -5.06 -16.91 -9.06
N LEU A 229 -6.16 -17.55 -9.46
CA LEU A 229 -6.50 -18.86 -8.89
C LEU A 229 -5.48 -19.94 -9.28
N GLU A 230 -5.01 -19.93 -10.53
CA GLU A 230 -3.97 -20.88 -10.92
C GLU A 230 -2.67 -20.62 -10.13
N ALA A 231 -2.25 -19.36 -10.07
CA ALA A 231 -1.15 -18.96 -9.20
C ALA A 231 -1.33 -19.46 -7.74
N ALA A 232 -2.53 -19.29 -7.17
CA ALA A 232 -2.75 -19.87 -5.85
C ALA A 232 -2.44 -21.36 -5.83
N ILE A 233 -2.96 -22.13 -6.79
CA ILE A 233 -2.67 -23.58 -6.91
C ILE A 233 -1.15 -23.83 -6.85
N LYS A 234 -0.39 -23.16 -7.71
CA LYS A 234 1.04 -23.43 -7.72
C LYS A 234 1.69 -23.07 -6.39
N LEU A 235 1.13 -22.12 -5.65
CA LEU A 235 1.82 -21.69 -4.45
C LEU A 235 1.57 -22.63 -3.27
N HIS A 236 0.76 -23.65 -3.46
CA HIS A 236 0.23 -24.42 -2.33
C HIS A 236 1.08 -25.63 -1.99
N ALA B 1 -23.69 7.53 -11.86
CA ALA B 1 -23.03 8.82 -11.76
C ALA B 1 -21.54 8.66 -11.51
N THR B 2 -21.15 8.51 -10.24
CA THR B 2 -19.72 8.35 -9.94
C THR B 2 -19.36 6.89 -10.12
N PRO B 3 -18.05 6.56 -10.08
CA PRO B 3 -17.58 5.15 -10.12
C PRO B 3 -17.94 4.34 -8.87
N HIS B 4 -18.53 4.99 -7.88
CA HIS B 4 -18.72 4.33 -6.58
C HIS B 4 -20.15 4.52 -6.21
N ASN B 5 -20.89 5.15 -7.09
CA ASN B 5 -22.25 5.52 -6.76
C ASN B 5 -22.99 5.61 -8.07
N SER B 6 -24.11 4.89 -8.14
CA SER B 6 -24.81 4.66 -9.41
C SER B 6 -26.14 5.42 -9.44
N ALA B 7 -26.53 6.00 -8.30
CA ALA B 7 -27.60 7.00 -8.28
C ALA B 7 -27.38 8.27 -9.14
N GLN B 8 -28.31 9.20 -8.99
CA GLN B 8 -28.22 10.45 -9.71
C GLN B 8 -28.76 11.63 -8.93
N VAL B 9 -28.10 12.76 -9.14
CA VAL B 9 -28.44 14.02 -8.54
C VAL B 9 -29.93 14.03 -8.27
N GLY B 10 -30.36 14.27 -7.06
CA GLY B 10 -31.78 14.21 -6.78
C GLY B 10 -32.06 13.01 -5.92
N ASP B 11 -31.53 11.83 -6.29
CA ASP B 11 -31.71 10.60 -5.46
C ASP B 11 -31.30 10.73 -4.00
N PHE B 12 -30.23 11.43 -3.69
CA PHE B 12 -29.89 11.62 -2.28
C PHE B 12 -30.48 12.90 -1.85
N ALA B 13 -30.95 12.87 -0.61
CA ALA B 13 -31.45 14.01 0.13
C ALA B 13 -30.38 15.04 0.35
N GLU B 14 -30.69 16.07 1.11
CA GLU B 14 -29.66 17.06 1.38
C GLU B 14 -28.90 16.83 2.67
N THR B 15 -29.46 15.98 3.50
CA THR B 15 -28.79 15.55 4.70
C THR B 15 -28.52 14.03 4.61
N VAL B 16 -27.29 13.59 4.81
CA VAL B 16 -27.02 12.15 4.76
C VAL B 16 -26.40 11.67 6.06
N LEU B 17 -26.97 10.62 6.69
CA LEU B 17 -26.29 10.01 7.83
C LEU B 17 -25.33 8.98 7.25
N MET B 18 -24.14 8.80 7.80
CA MET B 18 -23.20 7.81 7.24
C MET B 18 -22.53 7.01 8.32
N CYS B 19 -22.26 5.75 8.02
CA CYS B 19 -21.38 4.98 8.93
C CYS B 19 -20.51 4.01 8.18
N GLY B 20 -19.52 3.45 8.88
CA GLY B 20 -18.46 2.68 8.24
C GLY B 20 -19.03 1.39 7.70
N ASP B 21 -19.88 0.81 8.52
CA ASP B 21 -20.52 -0.46 8.34
C ASP B 21 -21.77 -0.33 7.50
N PRO B 22 -21.73 -0.83 6.27
CA PRO B 22 -22.97 -0.64 5.51
C PRO B 22 -24.18 -1.35 6.18
N LEU B 23 -23.92 -2.41 6.97
CA LEU B 23 -25.06 -3.16 7.51
C LEU B 23 -25.71 -2.25 8.53
N ARG B 24 -24.90 -1.34 9.09
CA ARG B 24 -25.47 -0.43 10.07
C ARG B 24 -26.22 0.71 9.36
N ALA B 25 -25.77 1.08 8.17
CA ALA B 25 -26.59 1.99 7.40
C ALA B 25 -27.98 1.33 7.13
N LYS B 26 -27.95 0.05 6.80
CA LYS B 26 -29.14 -0.65 6.44
C LYS B 26 -30.03 -0.76 7.66
N LEU B 27 -29.49 -1.08 8.82
CA LEU B 27 -30.34 -1.02 9.99
C LEU B 27 -31.02 0.36 10.20
N ILE B 28 -30.31 1.46 9.95
CA ILE B 28 -30.90 2.77 10.19
C ILE B 28 -32.08 2.98 9.23
N ALA B 29 -31.83 2.64 7.95
CA ALA B 29 -32.83 2.82 6.92
C ALA B 29 -34.09 2.02 7.24
N GLU B 30 -33.90 0.85 7.85
CA GLU B 30 -35.02 -0.03 8.12
C GLU B 30 -35.69 0.33 9.39
N THR B 31 -34.91 0.65 10.41
CA THR B 31 -35.51 0.98 11.69
C THR B 31 -36.13 2.36 11.82
N TYR B 32 -35.97 3.28 10.85
CA TYR B 32 -36.27 4.73 11.09
C TYR B 32 -36.73 5.56 9.90
N LEU B 33 -36.59 5.07 8.68
CA LEU B 33 -36.94 5.95 7.58
C LEU B 33 -38.22 5.46 6.95
N GLU B 34 -39.26 6.29 7.00
CA GLU B 34 -40.47 5.96 6.30
C GLU B 34 -40.17 5.95 4.81
N ASN B 35 -40.51 4.83 4.18
CA ASN B 35 -40.44 4.65 2.73
C ASN B 35 -39.09 4.69 2.13
N PRO B 36 -38.18 3.86 2.64
CA PRO B 36 -36.77 3.84 2.23
C PRO B 36 -36.64 3.38 0.80
N LYS B 37 -36.02 4.14 -0.06
CA LYS B 37 -35.63 3.58 -1.34
C LYS B 37 -34.10 3.26 -1.36
N LEU B 38 -33.75 2.10 -1.87
CA LEU B 38 -32.35 1.79 -2.07
C LEU B 38 -31.91 2.67 -3.22
N VAL B 39 -31.12 3.72 -2.95
CA VAL B 39 -30.56 4.55 -4.06
C VAL B 39 -29.18 4.15 -4.60
N ASN B 40 -28.36 3.48 -3.79
CA ASN B 40 -27.01 3.08 -4.23
C ASN B 40 -26.50 1.85 -3.49
N ASN B 41 -26.13 0.82 -4.25
CA ASN B 41 -25.57 -0.39 -3.66
C ASN B 41 -24.39 -0.97 -4.49
N VAL B 42 -23.66 -0.10 -5.23
CA VAL B 42 -22.34 -0.46 -5.70
C VAL B 42 -21.42 -0.82 -4.50
N ARG B 43 -20.58 -1.83 -4.62
CA ARG B 43 -19.73 -2.24 -3.47
C ARG B 43 -20.51 -2.56 -2.11
N GLY B 44 -21.84 -2.71 -2.26
CA GLY B 44 -22.68 -3.17 -1.21
C GLY B 44 -22.73 -2.10 -0.15
N ILE B 45 -22.65 -0.84 -0.57
CA ILE B 45 -22.45 0.23 0.42
C ILE B 45 -23.76 0.68 1.10
N GLN B 46 -24.89 0.15 0.62
CA GLN B 46 -26.19 0.42 1.23
C GLN B 46 -26.60 1.91 1.34
N GLY B 47 -26.80 2.61 0.23
CA GLY B 47 -27.36 3.94 0.34
C GLY B 47 -28.86 4.01 0.10
N TYR B 48 -29.56 4.69 1.01
CA TYR B 48 -31.01 4.79 0.95
C TYR B 48 -31.47 6.20 1.17
N THR B 49 -32.48 6.58 0.42
CA THR B 49 -33.22 7.79 0.65
C THR B 49 -34.66 7.46 1.10
N GLY B 50 -35.08 8.02 2.25
CA GLY B 50 -36.47 8.01 2.72
C GLY B 50 -36.94 9.34 3.34
N THR B 51 -37.52 9.30 4.54
CA THR B 51 -37.98 10.52 5.24
C THR B 51 -38.08 10.20 6.69
N TYR B 52 -37.88 11.21 7.52
CA TYR B 52 -38.00 11.01 8.95
C TYR B 52 -38.74 12.25 9.43
N LYS B 53 -39.75 12.02 10.30
CA LYS B 53 -40.80 13.02 10.63
C LYS B 53 -41.03 13.99 9.47
N GLY B 54 -41.22 13.46 8.27
CA GLY B 54 -41.68 14.29 7.18
C GLY B 54 -40.58 15.05 6.51
N LYS B 55 -39.34 14.90 6.94
CA LYS B 55 -38.23 15.61 6.27
C LYS B 55 -37.37 14.61 5.50
N PRO B 56 -36.88 14.97 4.30
CA PRO B 56 -36.06 13.98 3.57
C PRO B 56 -34.71 13.64 4.29
N ILE B 57 -34.35 12.37 4.35
CA ILE B 57 -33.09 11.95 4.95
C ILE B 57 -32.54 10.84 4.11
N SER B 58 -31.22 10.64 4.23
CA SER B 58 -30.55 9.61 3.48
C SER B 58 -29.59 8.93 4.40
N VAL B 59 -29.14 7.74 3.99
CA VAL B 59 -28.17 7.09 4.79
C VAL B 59 -27.33 6.17 3.93
N MET B 60 -26.05 6.06 4.27
CA MET B 60 -25.20 5.28 3.39
C MET B 60 -23.99 4.92 4.19
N GLY B 61 -23.37 3.81 3.80
CA GLY B 61 -22.11 3.46 4.39
C GLY B 61 -21.02 4.32 3.78
N HIS B 62 -19.93 4.49 4.54
CA HIS B 62 -18.71 5.12 4.00
C HIS B 62 -17.41 4.27 4.08
N GLY B 63 -17.45 3.05 4.63
CA GLY B 63 -16.27 2.18 4.60
C GLY B 63 -15.42 2.63 5.74
N MET B 64 -14.36 1.91 6.09
CA MET B 64 -13.45 2.29 7.18
C MET B 64 -12.19 3.00 6.65
N GLY B 65 -11.78 4.09 7.33
CA GLY B 65 -10.51 4.82 7.11
C GLY B 65 -10.66 6.02 6.20
N LEU B 66 -9.71 6.95 6.32
CA LEU B 66 -9.80 8.22 5.60
C LEU B 66 -9.92 8.00 4.08
N PRO B 67 -9.08 7.15 3.49
CA PRO B 67 -9.21 7.17 2.01
C PRO B 67 -10.63 6.93 1.51
N SER B 68 -11.36 6.08 2.21
CA SER B 68 -12.67 5.68 1.75
C SER B 68 -13.71 6.79 2.05
N ILE B 69 -13.82 7.23 3.30
CA ILE B 69 -14.85 8.23 3.54
C ILE B 69 -14.58 9.45 2.63
N CYS B 70 -13.30 9.72 2.32
CA CYS B 70 -12.91 10.76 1.38
C CYS B 70 -13.55 10.62 0.02
N ILE B 71 -13.49 9.42 -0.57
CA ILE B 71 -14.11 9.11 -1.84
C ILE B 71 -15.61 9.38 -1.70
N TYR B 72 -16.29 8.84 -0.69
CA TYR B 72 -17.74 9.07 -0.70
C TYR B 72 -18.16 10.52 -0.36
N ALA B 73 -17.55 11.12 0.67
CA ALA B 73 -17.94 12.48 1.07
C ALA B 73 -17.78 13.48 -0.11
N GLU B 74 -16.70 13.33 -0.87
CA GLU B 74 -16.49 14.23 -1.97
C GLU B 74 -17.53 14.05 -3.13
N GLU B 75 -17.87 12.80 -3.44
CA GLU B 75 -18.95 12.56 -4.42
C GLU B 75 -20.33 13.12 -3.88
N LEU B 76 -20.63 12.86 -2.63
CA LEU B 76 -21.88 13.38 -2.18
C LEU B 76 -21.97 14.92 -2.32
N TYR B 77 -20.92 15.66 -1.94
CA TYR B 77 -20.98 17.12 -1.90
C TYR B 77 -20.89 17.66 -3.33
N SER B 78 -20.05 17.03 -4.12
CA SER B 78 -19.79 17.54 -5.44
C SER B 78 -20.84 17.13 -6.48
N THR B 79 -21.07 15.84 -6.68
CA THR B 79 -22.06 15.42 -7.65
C THR B 79 -23.51 15.42 -7.13
N TYR B 80 -23.74 14.96 -5.90
CA TYR B 80 -25.07 14.77 -5.44
C TYR B 80 -25.57 15.96 -4.68
N LYS B 81 -24.79 17.04 -4.70
CA LYS B 81 -25.18 18.30 -4.00
C LYS B 81 -25.63 18.17 -2.55
N VAL B 82 -25.15 17.18 -1.83
CA VAL B 82 -25.52 17.11 -0.41
C VAL B 82 -25.10 18.38 0.34
N LYS B 83 -25.80 18.70 1.41
CA LYS B 83 -25.60 19.94 2.16
C LYS B 83 -25.02 19.66 3.54
N THR B 84 -25.34 18.47 4.07
CA THR B 84 -24.93 18.08 5.41
C THR B 84 -24.65 16.61 5.51
N ILE B 85 -23.52 16.27 6.12
CA ILE B 85 -23.21 14.89 6.36
C ILE B 85 -22.99 14.72 7.86
N ILE B 86 -23.75 13.83 8.46
CA ILE B 86 -23.49 13.57 9.84
C ILE B 86 -23.02 12.15 9.89
N ARG B 87 -21.93 11.92 10.62
CA ARG B 87 -21.29 10.60 10.65
C ARG B 87 -21.71 10.06 11.99
N VAL B 88 -22.19 8.84 11.99
CA VAL B 88 -22.68 8.24 13.22
C VAL B 88 -22.00 6.88 13.26
N GLY B 89 -21.00 6.72 14.10
CA GLY B 89 -20.28 5.46 14.15
C GLY B 89 -19.80 5.06 15.51
N THR B 90 -18.59 4.50 15.56
CA THR B 90 -18.01 4.05 16.81
C THR B 90 -16.57 4.48 17.09
N CYS B 91 -16.21 4.45 18.36
CA CYS B 91 -14.88 4.80 18.85
C CYS B 91 -14.67 3.78 19.97
N GLY B 92 -13.51 3.74 20.62
CA GLY B 92 -12.39 4.61 20.37
C GLY B 92 -11.95 5.24 21.69
N ALA B 93 -12.55 4.76 22.77
CA ALA B 93 -12.29 5.28 24.12
C ALA B 93 -10.86 5.57 24.55
N ILE B 94 -10.62 6.80 24.98
CA ILE B 94 -9.33 7.24 25.49
C ILE B 94 -9.51 7.82 26.88
N ASP B 95 -10.47 8.73 27.02
CA ASP B 95 -10.74 9.33 28.30
C ASP B 95 -11.07 8.25 29.33
N MET B 96 -10.50 8.37 30.53
CA MET B 96 -10.79 7.35 31.55
C MET B 96 -12.22 7.38 32.11
N ASP B 97 -12.90 8.51 32.02
CA ASP B 97 -14.28 8.59 32.48
C ASP B 97 -15.29 8.32 31.39
N ILE B 98 -14.87 7.66 30.34
CA ILE B 98 -15.78 7.35 29.25
C ILE B 98 -15.74 5.83 29.09
N HIS B 99 -16.89 5.24 28.78
CA HIS B 99 -17.04 3.80 28.81
C HIS B 99 -17.90 3.35 27.66
N THR B 100 -17.86 2.04 27.40
CA THR B 100 -18.62 1.49 26.28
C THR B 100 -20.09 1.92 26.32
N ARG B 101 -20.69 2.08 25.14
CA ARG B 101 -22.07 2.56 25.01
C ARG B 101 -22.27 4.06 25.31
N ASP B 102 -21.24 4.68 25.90
CA ASP B 102 -21.24 6.16 26.07
C ASP B 102 -21.28 6.90 24.75
N ILE B 103 -21.76 8.15 24.81
CA ILE B 103 -21.85 8.90 23.59
C ILE B 103 -20.96 10.14 23.50
N VAL B 104 -20.41 10.34 22.32
CA VAL B 104 -19.33 11.26 22.17
C VAL B 104 -19.56 12.07 20.92
N ILE B 105 -19.51 13.37 21.10
CA ILE B 105 -19.67 14.32 19.99
C ILE B 105 -18.38 15.10 19.68
N PHE B 106 -17.89 14.93 18.46
CA PHE B 106 -16.58 15.47 18.07
C PHE B 106 -16.71 16.90 17.64
N THR B 107 -15.90 17.77 18.25
CA THR B 107 -15.70 19.17 17.74
C THR B 107 -14.71 19.19 16.59
N SER B 108 -13.75 18.30 16.70
CA SER B 108 -12.73 18.19 15.66
C SER B 108 -11.98 16.90 15.85
N ALA B 109 -11.04 16.70 14.93
CA ALA B 109 -10.20 15.49 15.05
C ALA B 109 -8.83 15.63 14.45
N GLY B 110 -7.87 15.27 15.27
CA GLY B 110 -6.49 15.07 14.85
C GLY B 110 -6.37 13.81 13.97
N THR B 111 -5.20 13.60 13.38
CA THR B 111 -5.06 12.44 12.53
C THR B 111 -3.63 12.13 12.37
N ASN B 112 -3.34 10.91 11.86
CA ASN B 112 -2.01 10.65 11.41
C ASN B 112 -1.85 10.27 9.98
N SER B 113 -2.84 10.55 9.17
CA SER B 113 -2.82 10.39 7.70
C SER B 113 -1.96 11.58 7.06
N LYS B 114 -1.37 11.53 5.81
CA LYS B 114 -0.64 12.65 5.23
C LYS B 114 -1.71 13.44 4.46
N ILE B 115 -2.99 13.01 4.50
CA ILE B 115 -3.99 13.50 3.56
C ILE B 115 -4.19 14.99 3.72
N ASN B 116 -4.49 15.42 4.93
CA ASN B 116 -4.64 16.85 5.14
C ASN B 116 -3.34 17.60 4.86
N ARG B 117 -2.18 17.03 5.17
CA ARG B 117 -0.92 17.67 4.78
C ARG B 117 -0.86 17.82 3.26
N ILE B 118 -1.33 16.84 2.52
CA ILE B 118 -1.30 16.92 1.09
C ILE B 118 -2.34 17.92 0.58
N ARG B 119 -3.50 18.06 1.18
CA ARG B 119 -4.35 19.07 0.58
C ARG B 119 -4.07 20.42 1.19
N PHE B 120 -3.00 20.58 1.96
CA PHE B 120 -2.84 21.90 2.63
C PHE B 120 -1.37 22.34 2.80
N MET B 121 -0.59 22.11 1.74
CA MET B 121 0.76 22.56 1.58
C MET B 121 1.60 22.07 2.71
N ASP B 122 1.16 20.97 3.33
CA ASP B 122 2.02 20.30 4.30
C ASP B 122 2.04 21.04 5.66
N HIS B 123 0.97 21.80 5.96
CA HIS B 123 0.86 22.41 7.24
C HIS B 123 -0.21 21.68 8.05
N ASP B 124 -0.51 22.21 9.23
CA ASP B 124 -1.53 21.66 10.08
C ASP B 124 -2.88 22.30 9.72
N TYR B 125 -3.75 21.54 9.04
CA TYR B 125 -5.19 21.83 8.86
C TYR B 125 -5.99 21.45 10.10
N PRO B 126 -6.79 22.35 10.65
CA PRO B 126 -7.59 21.92 11.82
C PRO B 126 -8.86 21.17 11.37
N ALA B 127 -8.88 19.83 11.30
CA ALA B 127 -10.12 19.20 10.86
C ALA B 127 -11.25 19.41 11.89
N THR B 128 -12.16 20.31 11.55
CA THR B 128 -13.16 20.84 12.48
C THR B 128 -14.61 20.56 12.09
N ALA B 129 -15.36 19.98 13.01
CA ALA B 129 -16.81 19.84 12.77
C ALA B 129 -17.45 21.22 12.58
N SER B 130 -18.47 21.34 11.72
CA SER B 130 -19.30 22.57 11.69
C SER B 130 -19.97 22.93 13.02
N PHE B 131 -19.81 24.17 13.43
CA PHE B 131 -20.38 24.62 14.67
C PHE B 131 -21.93 24.35 14.74
N ASP B 132 -22.66 24.65 13.65
CA ASP B 132 -24.09 24.34 13.54
C ASP B 132 -24.39 22.92 14.05
N VAL B 133 -23.88 21.96 13.28
CA VAL B 133 -24.07 20.55 13.55
C VAL B 133 -23.66 20.19 14.97
N VAL B 134 -22.56 20.72 15.48
CA VAL B 134 -22.20 20.32 16.79
C VAL B 134 -23.37 20.71 17.67
N CYS B 135 -23.84 21.93 17.51
CA CYS B 135 -24.88 22.48 18.39
C CYS B 135 -26.17 21.70 18.28
N ALA B 136 -26.50 21.33 17.03
CA ALA B 136 -27.71 20.61 16.77
C ALA B 136 -27.59 19.31 17.55
N LEU B 137 -26.56 18.55 17.22
CA LEU B 137 -26.32 17.30 17.89
C LEU B 137 -26.40 17.49 19.38
N VAL B 138 -25.74 18.53 19.91
CA VAL B 138 -25.75 18.74 21.36
C VAL B 138 -27.16 18.98 21.87
N ASP B 139 -27.94 19.77 21.13
CA ASP B 139 -29.33 20.08 21.52
C ASP B 139 -30.23 18.80 21.55
N ALA B 140 -30.42 18.19 20.37
CA ALA B 140 -31.03 16.90 20.25
C ALA B 140 -30.68 15.95 21.40
N ALA B 141 -29.44 15.87 21.81
CA ALA B 141 -29.09 14.94 22.86
C ALA B 141 -29.54 15.44 24.24
N LYS B 142 -29.85 16.73 24.32
CA LYS B 142 -30.30 17.33 25.58
C LYS B 142 -31.82 17.24 25.67
N GLU B 143 -32.48 17.20 24.50
CA GLU B 143 -33.93 17.11 24.44
C GLU B 143 -34.37 15.68 24.69
N LEU B 144 -33.93 14.76 23.84
CA LEU B 144 -34.29 13.35 23.98
C LEU B 144 -33.99 12.91 25.41
N ASN B 145 -32.94 13.51 25.98
CA ASN B 145 -32.54 13.20 27.35
C ASN B 145 -31.40 12.19 27.46
N ILE B 146 -30.46 12.25 26.51
CA ILE B 146 -29.31 11.31 26.53
C ILE B 146 -27.95 11.98 26.85
N PRO B 147 -27.18 11.42 27.78
CA PRO B 147 -25.90 12.12 28.03
C PRO B 147 -24.86 12.01 26.88
N ALA B 148 -24.18 13.11 26.53
CA ALA B 148 -23.11 13.08 25.50
C ALA B 148 -21.93 13.99 25.81
N LYS B 149 -20.69 13.51 25.79
CA LYS B 149 -19.54 14.42 25.89
C LYS B 149 -19.15 15.06 24.56
N VAL B 150 -18.70 16.33 24.62
CA VAL B 150 -18.30 17.11 23.45
C VAL B 150 -16.82 17.28 23.61
N GLY B 151 -16.10 17.09 22.50
CA GLY B 151 -14.64 17.17 22.55
C GLY B 151 -13.96 16.73 21.25
N LYS B 152 -12.63 16.49 21.35
CA LYS B 152 -11.89 16.08 20.16
C LYS B 152 -11.65 14.60 20.02
N GLY B 153 -11.73 14.19 18.76
CA GLY B 153 -11.42 12.83 18.33
C GLY B 153 -10.06 12.76 17.67
N PHE B 154 -9.65 11.54 17.33
CA PHE B 154 -8.42 11.38 16.59
C PHE B 154 -8.63 10.27 15.57
N SER B 155 -8.46 10.58 14.28
CA SER B 155 -8.62 9.55 13.24
C SER B 155 -7.31 8.92 12.89
N THR B 156 -7.17 7.63 13.22
CA THR B 156 -5.97 6.92 12.95
C THR B 156 -6.04 6.20 11.60
N ASP B 157 -4.89 6.06 10.95
CA ASP B 157 -4.80 5.27 9.75
C ASP B 157 -4.52 3.82 10.16
N LEU B 158 -4.23 3.58 11.45
CA LEU B 158 -3.75 2.28 11.88
C LEU B 158 -4.50 1.79 13.16
N PHE B 159 -5.63 1.08 12.97
CA PHE B 159 -6.37 0.45 14.05
C PHE B 159 -5.42 -0.35 14.92
N TYR B 160 -4.60 -1.23 14.33
CA TYR B 160 -3.49 -1.83 15.05
C TYR B 160 -2.31 -0.88 15.08
N ASN B 161 -2.28 0.01 16.06
CA ASN B 161 -1.26 1.07 16.06
C ASN B 161 0.08 0.68 16.61
N PRO B 162 1.09 0.55 15.76
CA PRO B 162 2.42 0.25 16.31
C PRO B 162 2.99 1.33 17.23
N GLN B 163 2.55 2.57 17.14
CA GLN B 163 3.06 3.55 18.09
C GLN B 163 2.35 3.41 19.47
N THR B 164 2.88 2.61 20.37
CA THR B 164 2.04 2.22 21.51
C THR B 164 1.96 3.31 22.54
N GLU B 165 2.92 4.24 22.55
CA GLU B 165 2.92 5.44 23.39
C GLU B 165 1.85 6.48 23.04
N LEU B 166 1.20 6.37 21.88
CA LEU B 166 0.38 7.47 21.39
C LEU B 166 -0.91 7.65 22.21
N ALA B 167 -1.36 6.57 22.83
CA ALA B 167 -2.67 6.58 23.47
C ALA B 167 -2.58 7.40 24.74
N GLN B 168 -1.52 7.18 25.53
CA GLN B 168 -1.28 8.03 26.69
C GLN B 168 -1.09 9.51 26.31
N LEU B 169 -0.34 9.80 25.24
CA LEU B 169 -0.18 11.16 24.76
C LEU B 169 -1.56 11.73 24.52
N MET B 170 -2.39 11.07 23.70
CA MET B 170 -3.75 11.59 23.52
C MET B 170 -4.46 11.86 24.86
N ASN B 171 -4.15 11.06 25.85
CA ASN B 171 -4.83 11.15 27.12
C ASN B 171 -4.42 12.47 27.86
N LYS B 172 -3.11 12.70 27.99
CA LYS B 172 -2.59 14.01 28.40
C LYS B 172 -3.34 15.14 27.77
N PHE B 173 -3.58 15.11 26.45
CA PHE B 173 -4.23 16.25 25.82
C PHE B 173 -5.72 16.20 25.83
N HIS B 174 -6.25 15.27 26.63
CA HIS B 174 -7.68 15.04 26.80
C HIS B 174 -8.47 14.78 25.55
N PHE B 175 -7.97 13.98 24.62
CA PHE B 175 -8.86 13.55 23.52
C PHE B 175 -9.96 12.61 24.06
N LEU B 176 -11.13 12.65 23.45
CA LEU B 176 -12.22 11.78 23.90
C LEU B 176 -12.05 10.36 23.43
N ALA B 177 -12.09 10.15 22.12
CA ALA B 177 -11.95 8.81 21.58
C ALA B 177 -11.15 8.79 20.30
N VAL B 178 -10.99 7.59 19.74
CA VAL B 178 -10.26 7.36 18.51
C VAL B 178 -11.15 6.63 17.53
N GLU B 179 -11.15 7.07 16.28
CA GLU B 179 -11.92 6.44 15.24
C GLU B 179 -11.03 6.44 14.00
N MET B 180 -11.61 6.35 12.81
CA MET B 180 -10.74 6.35 11.66
C MET B 180 -11.22 7.17 10.45
N GLU B 181 -12.24 8.03 10.61
CA GLU B 181 -12.78 8.76 9.44
C GLU B 181 -12.95 10.28 9.58
N SER B 182 -13.12 10.81 10.78
CA SER B 182 -13.55 12.22 10.82
C SER B 182 -12.52 13.24 10.26
N ALA B 183 -11.25 13.08 10.60
CA ALA B 183 -10.27 14.01 10.08
C ALA B 183 -10.33 14.10 8.56
N GLY B 184 -10.78 13.06 7.86
CA GLY B 184 -10.96 13.14 6.40
C GLY B 184 -12.25 13.86 5.94
N LEU B 185 -13.32 13.63 6.68
CA LEU B 185 -14.63 14.19 6.35
C LEU B 185 -14.83 15.70 6.53
N PHE B 186 -14.19 16.28 7.54
CA PHE B 186 -14.36 17.71 7.79
C PHE B 186 -13.72 18.66 6.73
N PRO B 187 -12.40 18.49 6.39
CA PRO B 187 -11.89 19.43 5.39
C PRO B 187 -12.61 19.29 4.03
N ILE B 188 -13.25 18.15 3.79
CA ILE B 188 -13.96 18.02 2.51
C ILE B 188 -15.23 18.87 2.57
N ALA B 189 -15.96 18.82 3.68
CA ALA B 189 -17.10 19.75 3.82
C ALA B 189 -16.63 21.20 3.66
N ASP B 190 -15.61 21.63 4.40
CA ASP B 190 -15.03 22.95 4.21
C ASP B 190 -14.79 23.24 2.69
N LEU B 191 -14.12 22.32 2.00
CA LEU B 191 -13.80 22.54 0.59
C LEU B 191 -15.08 22.78 -0.22
N TYR B 192 -16.22 22.23 0.14
CA TYR B 192 -17.42 22.35 -0.71
C TYR B 192 -18.41 23.35 -0.10
N GLY B 193 -18.03 24.05 0.94
CA GLY B 193 -18.98 25.00 1.42
C GLY B 193 -20.03 24.36 2.27
N ALA B 194 -20.04 23.03 2.30
CA ALA B 194 -21.09 22.31 3.01
C ALA B 194 -20.74 22.16 4.45
N ARG B 195 -21.58 21.40 5.18
CA ARG B 195 -21.44 21.14 6.65
C ARG B 195 -21.13 19.64 6.95
N ALA B 196 -20.52 19.37 8.11
CA ALA B 196 -20.30 17.99 8.52
C ALA B 196 -20.19 17.93 10.03
N GLY B 197 -20.57 16.78 10.60
CA GLY B 197 -20.42 16.63 12.04
C GLY B 197 -20.24 15.15 12.31
N CYS B 198 -19.86 14.82 13.52
CA CYS B 198 -19.61 13.45 13.78
C CYS B 198 -20.02 13.13 15.17
N ILE B 199 -20.89 12.12 15.30
CA ILE B 199 -21.27 11.56 16.60
C ILE B 199 -21.03 10.05 16.65
N CYS B 200 -20.39 9.57 17.71
CA CYS B 200 -20.11 8.15 17.83
C CYS B 200 -20.25 7.60 19.25
N THR B 201 -20.63 6.33 19.32
CA THR B 201 -20.82 5.63 20.58
C THR B 201 -19.61 4.74 20.83
N VAL B 202 -19.18 4.69 22.08
CA VAL B 202 -17.98 3.99 22.43
C VAL B 202 -18.09 2.46 22.33
N SER B 203 -17.22 1.82 21.57
CA SER B 203 -17.38 0.42 21.24
C SER B 203 -16.29 -0.44 21.91
N ASP B 204 -15.25 0.22 22.37
CA ASP B 204 -14.20 -0.42 23.13
C ASP B 204 -13.44 0.70 23.85
N HIS B 205 -12.45 0.38 24.66
CA HIS B 205 -11.73 1.40 25.38
C HIS B 205 -10.28 1.02 25.24
N ILE B 206 -9.43 1.97 24.88
CA ILE B 206 -8.03 1.72 24.59
C ILE B 206 -7.06 1.73 25.72
N LEU B 207 -7.53 2.13 26.88
CA LEU B 207 -6.66 2.31 28.02
C LEU B 207 -7.00 1.31 29.11
N HIS B 208 -8.23 0.80 29.12
CA HIS B 208 -8.65 -0.16 30.12
C HIS B 208 -9.84 -0.98 29.63
N HIS B 209 -9.78 -1.41 28.38
CA HIS B 209 -10.86 -2.20 27.80
C HIS B 209 -11.14 -3.45 28.61
N GLU B 210 -12.40 -3.89 28.60
CA GLU B 210 -13.44 -3.20 27.85
C GLU B 210 -13.52 -3.71 26.42
N GLU B 211 -14.74 -3.90 25.92
CA GLU B 211 -14.94 -4.39 24.57
C GLU B 211 -16.36 -4.16 24.09
N THR B 212 -16.80 -4.98 23.14
CA THR B 212 -18.17 -4.89 22.58
C THR B 212 -18.26 -5.99 21.49
N THR B 213 -19.45 -6.45 21.10
CA THR B 213 -19.50 -7.54 20.11
C THR B 213 -19.87 -6.99 18.75
N ALA B 214 -19.46 -7.67 17.68
CA ALA B 214 -19.75 -7.27 16.29
C ALA B 214 -21.24 -6.97 16.10
N GLU B 215 -22.09 -7.85 16.66
CA GLU B 215 -23.53 -7.63 16.67
C GLU B 215 -23.97 -6.42 17.51
N GLU B 216 -23.54 -6.31 18.75
CA GLU B 216 -24.09 -5.20 19.50
C GLU B 216 -23.59 -3.88 18.89
N ARG B 217 -22.35 -3.90 18.45
CA ARG B 217 -21.79 -2.77 17.72
C ARG B 217 -22.45 -2.53 16.34
N GLN B 218 -23.09 -3.54 15.75
CA GLN B 218 -23.87 -3.37 14.51
C GLN B 218 -25.32 -2.94 14.71
N ASN B 219 -25.98 -3.47 15.77
CA ASN B 219 -27.43 -3.27 15.99
C ASN B 219 -27.79 -2.58 17.30
N SER B 220 -26.91 -2.62 18.30
CA SER B 220 -27.31 -2.23 19.66
C SER B 220 -27.12 -0.75 19.99
N PHE B 221 -26.69 0.05 19.00
CA PHE B 221 -26.35 1.50 19.22
C PHE B 221 -27.34 2.48 18.55
N GLN B 222 -28.63 2.27 18.79
CA GLN B 222 -29.71 3.26 18.49
C GLN B 222 -29.51 4.30 19.58
N ASN B 223 -29.84 5.55 19.33
CA ASN B 223 -29.56 6.56 20.37
C ASN B 223 -28.70 7.66 19.76
N MET B 224 -27.45 7.30 19.46
CA MET B 224 -26.72 8.08 18.47
C MET B 224 -27.60 8.21 17.23
N MET B 225 -28.22 7.12 16.76
CA MET B 225 -29.09 7.22 15.55
C MET B 225 -30.24 8.21 15.84
N LYS B 226 -30.69 8.18 17.09
CA LYS B 226 -31.79 9.04 17.55
C LYS B 226 -31.36 10.52 17.58
N ILE B 227 -30.28 10.81 18.31
CA ILE B 227 -29.73 12.17 18.36
C ILE B 227 -29.38 12.71 16.97
N ALA B 228 -28.80 11.85 16.16
CA ALA B 228 -28.43 12.23 14.82
C ALA B 228 -29.65 12.65 14.01
N LEU B 229 -30.74 11.88 14.12
CA LEU B 229 -31.95 12.19 13.31
C LEU B 229 -32.73 13.41 13.85
N GLU B 230 -32.86 13.49 15.17
CA GLU B 230 -33.36 14.72 15.76
C GLU B 230 -32.47 15.92 15.29
N ALA B 231 -31.15 15.79 15.40
CA ALA B 231 -30.27 16.88 14.97
C ALA B 231 -30.53 17.17 13.51
N ALA B 232 -30.48 16.14 12.66
CA ALA B 232 -30.82 16.37 11.26
C ALA B 232 -32.07 17.26 11.05
N ILE B 233 -33.16 16.99 11.78
CA ILE B 233 -34.44 17.73 11.65
C ILE B 233 -34.22 19.25 11.74
N LYS B 234 -33.72 19.73 12.88
CA LYS B 234 -33.19 21.11 13.00
C LYS B 234 -32.32 21.63 11.80
N LEU B 235 -31.21 20.99 11.46
CA LEU B 235 -30.30 21.55 10.43
C LEU B 235 -30.91 21.86 9.05
N ALA C 1 33.82 13.06 -21.35
CA ALA C 1 32.71 13.87 -21.94
C ALA C 1 31.66 14.10 -20.84
N THR C 2 32.01 13.71 -19.62
CA THR C 2 31.23 14.08 -18.45
C THR C 2 32.22 14.33 -17.36
N PRO C 3 32.07 15.45 -16.65
CA PRO C 3 32.85 15.86 -15.48
C PRO C 3 33.48 14.71 -14.71
N HIS C 4 32.87 13.52 -14.73
CA HIS C 4 33.40 12.37 -13.99
C HIS C 4 33.80 11.19 -14.90
N ASN C 5 33.68 11.40 -16.20
CA ASN C 5 33.93 10.30 -17.17
C ASN C 5 34.59 10.91 -18.41
N SER C 6 35.83 10.49 -18.69
CA SER C 6 36.53 10.98 -19.92
C SER C 6 36.15 10.18 -21.19
N ALA C 7 35.83 8.88 -21.04
CA ALA C 7 35.40 8.00 -22.14
C ALA C 7 34.29 8.63 -23.01
N GLN C 8 34.01 8.00 -24.16
CA GLN C 8 33.10 8.61 -25.15
C GLN C 8 31.97 7.65 -25.54
N VAL C 9 30.89 8.22 -26.08
CA VAL C 9 29.69 7.46 -26.45
C VAL C 9 30.02 6.22 -27.30
N GLY C 10 30.05 5.02 -26.70
CA GLY C 10 30.40 3.86 -27.47
C GLY C 10 31.49 3.17 -26.70
N ASP C 11 32.17 3.90 -25.84
CA ASP C 11 33.26 3.34 -25.05
C ASP C 11 32.74 2.37 -24.01
N PHE C 12 31.43 2.37 -23.80
CA PHE C 12 30.84 1.53 -22.77
C PHE C 12 29.90 0.46 -23.33
N ALA C 13 30.13 -0.80 -22.93
CA ALA C 13 29.18 -1.91 -23.21
C ALA C 13 27.74 -1.63 -22.71
N GLU C 14 26.73 -2.07 -23.44
CA GLU C 14 25.34 -1.90 -23.05
C GLU C 14 25.08 -2.41 -21.62
N THR C 15 25.97 -3.30 -21.16
CA THR C 15 25.89 -3.84 -19.81
C THR C 15 27.15 -3.53 -18.99
N VAL C 16 27.01 -2.84 -17.83
CA VAL C 16 28.17 -2.57 -16.97
C VAL C 16 27.98 -3.24 -15.65
N LEU C 17 28.99 -3.94 -15.16
CA LEU C 17 29.00 -4.30 -13.76
C LEU C 17 29.64 -3.09 -13.08
N MET C 18 29.26 -2.85 -11.81
CA MET C 18 29.77 -1.75 -10.97
C MET C 18 29.85 -2.21 -9.55
N CYS C 19 30.98 -1.86 -8.92
CA CYS C 19 31.16 -2.08 -7.50
C CYS C 19 31.65 -0.78 -6.75
N GLY C 20 31.80 -0.89 -5.43
CA GLY C 20 32.08 0.31 -4.64
C GLY C 20 33.55 0.63 -4.76
N ASP C 21 34.33 -0.38 -4.42
CA ASP C 21 35.77 -0.41 -4.49
C ASP C 21 36.35 -0.36 -5.91
N PRO C 22 37.07 0.73 -6.24
CA PRO C 22 37.69 0.79 -7.58
C PRO C 22 38.83 -0.24 -7.82
N LEU C 23 39.48 -0.72 -6.76
CA LEU C 23 40.54 -1.72 -6.95
C LEU C 23 39.86 -3.03 -7.25
N ARG C 24 38.64 -3.20 -6.72
CA ARG C 24 37.90 -4.41 -7.03
C ARG C 24 37.42 -4.36 -8.49
N ALA C 25 37.10 -3.19 -9.01
CA ALA C 25 36.74 -3.16 -10.41
C ALA C 25 37.92 -3.71 -11.23
N LYS C 26 39.12 -3.28 -10.87
CA LYS C 26 40.33 -3.73 -11.56
C LYS C 26 40.50 -5.23 -11.44
N LEU C 27 40.36 -5.74 -10.23
CA LEU C 27 40.51 -7.17 -9.97
C LEU C 27 39.78 -7.98 -11.04
N ILE C 28 38.58 -7.53 -11.41
CA ILE C 28 37.79 -8.20 -12.43
C ILE C 28 38.01 -7.55 -13.79
N ALA C 29 39.21 -7.05 -14.04
CA ALA C 29 39.46 -6.43 -15.32
C ALA C 29 39.94 -7.44 -16.36
N GLU C 30 40.98 -8.25 -16.13
CA GLU C 30 41.77 -8.40 -14.93
C GLU C 30 41.60 -9.74 -14.24
N THR C 31 40.46 -10.38 -14.45
CA THR C 31 40.22 -11.69 -13.88
C THR C 31 38.98 -12.33 -14.51
N TYR C 32 38.43 -11.65 -15.51
CA TYR C 32 37.22 -12.14 -16.23
C TYR C 32 37.01 -11.48 -17.59
N LEU C 33 37.38 -10.23 -17.70
CA LEU C 33 37.26 -9.64 -19.02
C LEU C 33 38.36 -10.23 -19.94
N GLU C 34 38.09 -10.25 -21.24
CA GLU C 34 39.13 -10.49 -22.24
C GLU C 34 39.28 -9.22 -23.09
N ASN C 35 40.51 -8.69 -23.09
CA ASN C 35 40.87 -7.44 -23.83
C ASN C 35 40.42 -6.18 -23.10
N PRO C 36 40.62 -6.21 -21.77
CA PRO C 36 40.44 -5.15 -20.82
C PRO C 36 40.96 -3.83 -21.38
N LYS C 37 40.16 -3.08 -22.11
CA LYS C 37 40.55 -1.70 -22.38
C LYS C 37 40.10 -0.66 -21.26
N LEU C 38 41.05 -0.12 -20.47
CA LEU C 38 40.77 1.08 -19.66
C LEU C 38 40.00 2.16 -20.47
N VAL C 39 38.97 2.78 -19.87
CA VAL C 39 38.12 3.73 -20.62
C VAL C 39 37.79 4.95 -19.77
N ASN C 40 38.14 4.85 -18.48
CA ASN C 40 37.91 5.89 -17.47
C ASN C 40 38.80 5.72 -16.23
N ASN C 41 39.72 6.68 -16.03
CA ASN C 41 40.35 6.73 -14.71
C ASN C 41 40.29 8.07 -13.95
N VAL C 42 39.50 9.04 -14.47
CA VAL C 42 39.12 10.17 -13.63
C VAL C 42 38.78 9.71 -12.21
N ARG C 43 39.35 10.39 -11.23
CA ARG C 43 39.13 10.10 -9.78
C ARG C 43 39.45 8.68 -9.47
N GLY C 44 40.11 8.04 -10.43
CA GLY C 44 40.77 6.73 -10.23
C GLY C 44 39.70 5.70 -10.22
N ILE C 45 38.67 5.94 -11.05
CA ILE C 45 37.40 5.22 -10.91
C ILE C 45 37.34 3.91 -11.72
N GLN C 46 38.47 3.55 -12.35
CA GLN C 46 38.72 2.23 -12.94
C GLN C 46 37.67 1.76 -13.92
N GLY C 47 37.30 2.58 -14.91
CA GLY C 47 36.39 2.10 -15.96
C GLY C 47 37.02 1.19 -17.04
N TYR C 48 36.42 0.01 -17.27
CA TYR C 48 36.80 -0.95 -18.38
C TYR C 48 35.67 -1.52 -19.28
N THR C 49 35.96 -1.60 -20.57
CA THR C 49 35.08 -2.18 -21.59
C THR C 49 35.79 -3.44 -22.09
N GLY C 50 35.09 -4.57 -22.12
CA GLY C 50 35.67 -5.86 -22.56
C GLY C 50 34.72 -6.79 -23.33
N THR C 51 34.84 -8.10 -23.06
CA THR C 51 33.93 -9.17 -23.52
C THR C 51 34.03 -10.41 -22.60
N TYR C 52 32.89 -11.05 -22.38
CA TYR C 52 32.85 -12.31 -21.62
C TYR C 52 32.00 -13.23 -22.47
N LYS C 53 32.55 -14.42 -22.75
CA LYS C 53 32.02 -15.34 -23.74
C LYS C 53 31.53 -14.59 -24.97
N GLY C 54 32.40 -13.67 -25.44
CA GLY C 54 32.18 -12.98 -26.71
C GLY C 54 31.20 -11.82 -26.64
N LYS C 55 30.60 -11.62 -25.46
CA LYS C 55 29.69 -10.48 -25.23
C LYS C 55 30.39 -9.28 -24.63
N PRO C 56 30.06 -8.08 -25.12
CA PRO C 56 30.68 -6.86 -24.62
C PRO C 56 30.17 -6.48 -23.22
N ILE C 57 30.98 -6.76 -22.19
CA ILE C 57 30.77 -6.28 -20.83
C ILE C 57 31.53 -4.95 -20.56
N SER C 58 31.29 -4.30 -19.41
CA SER C 58 32.18 -3.25 -18.84
C SER C 58 32.21 -3.46 -17.35
N VAL C 59 33.27 -3.01 -16.68
CA VAL C 59 33.17 -2.92 -15.23
C VAL C 59 33.64 -1.51 -14.84
N MET C 60 33.31 -1.08 -13.61
CA MET C 60 33.62 0.30 -13.08
C MET C 60 33.26 0.39 -11.62
N GLY C 61 33.99 1.26 -10.93
CA GLY C 61 33.69 1.54 -9.52
C GLY C 61 32.63 2.60 -9.47
N HIS C 62 31.88 2.64 -8.37
CA HIS C 62 30.80 3.66 -8.28
C HIS C 62 30.91 4.57 -7.06
N GLY C 63 31.90 4.35 -6.20
CA GLY C 63 32.00 5.14 -4.98
C GLY C 63 31.18 4.46 -3.90
N MET C 64 31.47 4.74 -2.64
CA MET C 64 30.56 4.41 -1.57
C MET C 64 29.44 5.51 -1.48
N GLY C 65 28.17 5.09 -1.24
CA GLY C 65 27.00 5.97 -1.01
C GLY C 65 26.06 6.43 -2.14
N LEU C 66 24.76 6.62 -1.84
CA LEU C 66 23.87 7.06 -2.94
C LEU C 66 24.37 8.18 -3.78
N PRO C 67 24.86 9.27 -3.17
CA PRO C 67 25.15 10.43 -4.09
C PRO C 67 26.18 10.12 -5.14
N SER C 68 27.10 9.24 -4.78
CA SER C 68 28.13 8.80 -5.69
C SER C 68 27.59 7.92 -6.85
N ILE C 69 26.97 6.81 -6.49
CA ILE C 69 26.42 5.99 -7.53
C ILE C 69 25.40 6.76 -8.33
N CYS C 70 24.69 7.71 -7.73
CA CYS C 70 23.71 8.45 -8.53
C CYS C 70 24.35 9.19 -9.64
N ILE C 71 25.63 9.54 -9.45
CA ILE C 71 26.38 10.34 -10.45
C ILE C 71 26.76 9.45 -11.66
N TYR C 72 27.47 8.36 -11.35
CA TYR C 72 27.84 7.41 -12.33
C TYR C 72 26.66 6.84 -13.12
N ALA C 73 25.73 6.20 -12.41
CA ALA C 73 24.58 5.61 -13.07
C ALA C 73 23.89 6.63 -13.99
N GLU C 74 23.60 7.85 -13.53
CA GLU C 74 22.81 8.74 -14.41
C GLU C 74 23.58 9.00 -15.71
N GLU C 75 24.88 9.28 -15.59
CA GLU C 75 25.80 9.46 -16.72
C GLU C 75 25.85 8.27 -17.70
N LEU C 76 26.17 7.08 -17.17
CA LEU C 76 26.10 5.83 -17.93
C LEU C 76 24.79 5.68 -18.73
N TYR C 77 23.61 5.92 -18.14
CA TYR C 77 22.35 5.62 -18.86
C TYR C 77 22.02 6.69 -19.88
N SER C 78 22.53 7.87 -19.63
CA SER C 78 22.06 9.02 -20.36
C SER C 78 23.04 9.40 -21.47
N THR C 79 24.31 9.40 -21.09
CA THR C 79 25.36 9.83 -21.97
C THR C 79 25.90 8.64 -22.70
N TYR C 80 26.28 7.63 -21.93
CA TYR C 80 26.93 6.50 -22.54
C TYR C 80 25.96 5.42 -23.02
N LYS C 81 24.67 5.78 -23.05
CA LYS C 81 23.56 4.88 -23.44
C LYS C 81 23.58 3.41 -22.93
N VAL C 82 24.15 3.17 -21.75
CA VAL C 82 24.05 1.89 -21.07
C VAL C 82 22.56 1.45 -20.86
N LYS C 83 22.35 0.15 -20.99
CA LYS C 83 21.03 -0.47 -20.96
C LYS C 83 20.82 -1.17 -19.63
N THR C 84 21.93 -1.57 -18.98
CA THR C 84 21.86 -2.41 -17.80
C THR C 84 23.01 -2.23 -16.82
N ILE C 85 22.71 -1.92 -15.55
CA ILE C 85 23.73 -1.85 -14.54
C ILE C 85 23.47 -2.89 -13.48
N ILE C 86 24.43 -3.76 -13.27
CA ILE C 86 24.32 -4.69 -12.15
C ILE C 86 25.40 -4.36 -11.10
N ARG C 87 24.97 -4.12 -9.87
CA ARG C 87 25.87 -3.72 -8.84
C ARG C 87 26.23 -5.02 -8.22
N VAL C 88 27.51 -5.34 -8.30
CA VAL C 88 28.04 -6.52 -7.60
C VAL C 88 28.78 -5.90 -6.46
N GLY C 89 28.60 -6.43 -5.27
CA GLY C 89 29.06 -5.69 -4.11
C GLY C 89 29.08 -6.55 -2.87
N THR C 90 29.18 -5.85 -1.74
CA THR C 90 29.21 -6.48 -0.41
C THR C 90 28.21 -5.71 0.39
N CYS C 91 27.82 -6.27 1.53
CA CYS C 91 26.67 -5.76 2.24
C CYS C 91 26.75 -6.43 3.63
N GLY C 92 25.89 -6.04 4.60
CA GLY C 92 25.97 -6.58 5.94
C GLY C 92 24.67 -7.23 6.40
N ALA C 93 24.72 -8.44 6.95
CA ALA C 93 23.48 -9.17 7.15
C ALA C 93 22.65 -8.55 8.23
N ILE C 94 21.33 -8.55 8.01
CA ILE C 94 20.37 -8.28 9.08
C ILE C 94 19.71 -9.57 9.44
N ASP C 95 19.30 -10.34 8.45
CA ASP C 95 18.51 -11.51 8.78
C ASP C 95 19.31 -12.53 9.57
N MET C 96 18.76 -12.96 10.71
CA MET C 96 19.43 -13.93 11.57
C MET C 96 19.89 -15.21 10.82
N ASP C 97 19.15 -15.61 9.78
CA ASP C 97 19.49 -16.79 8.97
C ASP C 97 20.44 -16.55 7.76
N ILE C 98 21.04 -15.37 7.70
CA ILE C 98 21.99 -15.04 6.63
C ILE C 98 23.37 -14.90 7.30
N HIS C 99 24.43 -15.34 6.63
CA HIS C 99 25.75 -15.49 7.29
C HIS C 99 26.82 -15.09 6.35
N THR C 100 28.05 -15.00 6.84
CA THR C 100 29.09 -14.38 6.02
C THR C 100 29.38 -15.13 4.74
N ASP C 102 27.20 -15.65 2.39
CA ASP C 102 26.03 -16.05 1.65
C ASP C 102 26.03 -15.07 0.56
N ILE C 103 25.12 -15.26 -0.37
CA ILE C 103 24.97 -14.35 -1.48
C ILE C 103 23.54 -13.84 -1.35
N VAL C 104 23.16 -12.73 -1.47
CA VAL C 104 21.86 -12.11 -1.37
C VAL C 104 21.52 -11.38 -2.66
N ILE C 105 20.50 -11.42 -3.31
CA ILE C 105 20.00 -10.78 -4.52
C ILE C 105 18.85 -9.88 -4.10
N PHE C 106 18.97 -8.58 -4.33
CA PHE C 106 17.94 -7.62 -3.92
C PHE C 106 16.81 -7.50 -4.89
N THR C 107 15.60 -7.44 -4.38
CA THR C 107 14.39 -7.26 -5.22
C THR C 107 14.11 -5.78 -5.19
N SER C 108 14.54 -5.19 -4.06
CA SER C 108 14.40 -3.75 -3.80
C SER C 108 15.27 -3.31 -2.62
N ALA C 109 15.29 -2.00 -2.38
CA ALA C 109 16.09 -1.45 -1.28
C ALA C 109 15.39 -0.27 -0.61
N GLY C 110 15.13 -0.39 0.69
CA GLY C 110 14.67 0.75 1.42
C GLY C 110 15.83 1.75 1.61
N THR C 111 15.55 2.84 2.29
CA THR C 111 16.59 3.81 2.47
C THR C 111 16.28 4.87 3.51
N ASN C 112 17.32 5.43 4.12
CA ASN C 112 17.15 6.60 5.00
C ASN C 112 17.58 7.90 4.35
N SER C 113 17.99 7.79 3.08
CA SER C 113 18.32 8.93 2.24
C SER C 113 17.07 9.76 1.96
N LYS C 114 17.24 11.02 1.57
CA LYS C 114 16.13 11.83 1.12
C LYS C 114 16.07 11.93 -0.41
N ILE C 115 17.02 11.28 -1.13
CA ILE C 115 17.14 11.50 -2.56
C ILE C 115 15.83 11.10 -3.26
N ASN C 116 15.27 9.95 -2.87
CA ASN C 116 14.04 9.54 -3.58
C ASN C 116 12.86 10.41 -3.20
N ARG C 117 12.88 10.96 -1.98
CA ARG C 117 11.81 11.87 -1.68
C ARG C 117 11.92 13.11 -2.58
N ILE C 118 13.14 13.59 -2.84
CA ILE C 118 13.36 14.74 -3.70
C ILE C 118 12.96 14.44 -5.13
N ARG C 119 13.14 13.23 -5.63
CA ARG C 119 12.66 13.02 -6.97
C ARG C 119 11.23 12.52 -7.05
N PHE C 120 10.49 12.51 -5.94
CA PHE C 120 9.17 11.95 -6.01
C PHE C 120 8.03 12.63 -5.20
N MET C 121 8.18 13.97 -5.06
CA MET C 121 7.17 14.85 -4.40
C MET C 121 6.90 14.47 -2.96
N ASP C 122 7.97 13.98 -2.34
CA ASP C 122 8.02 13.68 -0.91
C ASP C 122 7.04 12.53 -0.58
N HIS C 123 6.73 11.71 -1.59
CA HIS C 123 6.00 10.48 -1.30
C HIS C 123 6.96 9.30 -1.24
N ASP C 124 6.47 8.07 -1.10
CA ASP C 124 7.35 6.87 -0.98
C ASP C 124 7.61 6.22 -2.33
N TYR C 125 8.79 6.40 -2.88
CA TYR C 125 9.09 5.68 -4.14
C TYR C 125 9.60 4.32 -3.73
N PRO C 126 9.05 3.23 -4.30
CA PRO C 126 9.60 1.96 -3.81
C PRO C 126 10.76 1.63 -4.77
N ALA C 127 12.01 1.70 -4.29
CA ALA C 127 13.16 1.44 -5.17
C ALA C 127 13.26 -0.04 -5.54
N THR C 128 12.91 -0.38 -6.77
CA THR C 128 12.72 -1.79 -7.18
C THR C 128 13.75 -2.24 -8.22
N ALA C 129 14.45 -3.34 -7.95
CA ALA C 129 15.34 -3.95 -8.97
C ALA C 129 14.46 -4.42 -10.16
N SER C 130 14.96 -4.33 -11.40
CA SER C 130 14.22 -4.83 -12.57
C SER C 130 13.99 -6.31 -12.48
N PHE C 131 12.75 -6.70 -12.63
CA PHE C 131 12.33 -8.10 -12.53
C PHE C 131 13.09 -8.99 -13.55
N ASP C 132 13.27 -8.53 -14.79
CA ASP C 132 14.32 -9.06 -15.72
C ASP C 132 15.61 -9.50 -14.97
N VAL C 133 16.37 -8.50 -14.53
CA VAL C 133 17.65 -8.74 -13.87
C VAL C 133 17.50 -9.68 -12.68
N VAL C 134 16.52 -9.43 -11.81
CA VAL C 134 16.43 -10.26 -10.58
C VAL C 134 16.33 -11.75 -11.00
N CYS C 135 15.53 -11.99 -12.05
CA CYS C 135 15.29 -13.32 -12.56
C CYS C 135 16.59 -13.83 -13.16
N ALA C 136 17.14 -13.02 -14.08
CA ALA C 136 18.48 -13.34 -14.59
C ALA C 136 19.45 -13.78 -13.46
N LEU C 137 19.64 -12.98 -12.41
CA LEU C 137 20.58 -13.40 -11.38
C LEU C 137 20.15 -14.70 -10.76
N VAL C 138 18.88 -14.79 -10.35
CA VAL C 138 18.36 -16.00 -9.64
C VAL C 138 18.64 -17.27 -10.41
N ASP C 139 18.35 -17.19 -11.72
CA ASP C 139 18.47 -18.33 -12.62
C ASP C 139 19.92 -18.76 -12.67
N ALA C 140 20.78 -17.90 -13.20
CA ALA C 140 22.20 -18.14 -13.12
C ALA C 140 22.60 -18.74 -11.77
N ALA C 141 22.28 -18.09 -10.67
CA ALA C 141 22.74 -18.66 -9.40
C ALA C 141 22.38 -20.14 -9.37
N LYS C 142 21.31 -20.46 -10.11
CA LYS C 142 20.64 -21.76 -10.04
C LYS C 142 21.38 -22.82 -10.85
N GLU C 143 21.65 -22.49 -12.12
CA GLU C 143 22.57 -23.23 -12.98
C GLU C 143 23.91 -23.51 -12.32
N LEU C 144 24.62 -22.48 -11.86
CA LEU C 144 25.93 -22.68 -11.23
C LEU C 144 25.79 -23.26 -9.83
N ASN C 145 24.59 -23.67 -9.48
CA ASN C 145 24.41 -24.40 -8.23
C ASN C 145 24.89 -23.78 -6.91
N ILE C 146 24.85 -22.44 -6.88
CA ILE C 146 25.19 -21.62 -5.73
C ILE C 146 23.91 -21.13 -5.02
N PRO C 147 23.77 -21.40 -3.72
CA PRO C 147 22.59 -20.82 -3.01
C PRO C 147 22.59 -19.27 -3.00
N ALA C 148 21.44 -18.65 -3.19
CA ALA C 148 21.39 -17.21 -3.17
C ALA C 148 20.17 -16.93 -2.36
N LYS C 149 20.18 -15.86 -1.57
CA LYS C 149 18.95 -15.38 -0.93
C LYS C 149 18.31 -14.28 -1.75
N VAL C 150 16.98 -14.18 -1.69
CA VAL C 150 16.29 -13.18 -2.53
C VAL C 150 15.37 -12.35 -1.69
N GLY C 151 15.41 -11.05 -1.85
CA GLY C 151 14.69 -10.21 -0.91
C GLY C 151 15.13 -8.75 -0.86
N LYS C 152 14.75 -8.09 0.25
CA LYS C 152 14.89 -6.63 0.44
C LYS C 152 16.26 -6.20 0.97
N GLY C 153 16.76 -5.09 0.44
CA GLY C 153 17.90 -4.45 1.03
C GLY C 153 17.52 -3.14 1.68
N PHE C 154 18.46 -2.64 2.47
CA PHE C 154 18.38 -1.29 3.02
C PHE C 154 19.63 -0.50 2.65
N SER C 155 19.46 0.57 1.87
CA SER C 155 20.57 1.47 1.50
C SER C 155 20.73 2.60 2.52
N THR C 156 21.76 2.50 3.40
CA THR C 156 22.00 3.47 4.49
C THR C 156 22.85 4.64 4.05
N ASP C 157 22.55 5.82 4.60
CA ASP C 157 23.32 7.02 4.29
C ASP C 157 24.42 7.06 5.31
N LEU C 158 24.35 6.20 6.31
CA LEU C 158 25.19 6.33 7.45
C LEU C 158 25.66 4.95 7.87
N PHE C 159 26.92 4.67 7.52
CA PHE C 159 27.57 3.43 7.84
C PHE C 159 27.63 3.21 9.35
N TYR C 160 27.95 4.27 10.13
CA TYR C 160 27.88 4.21 11.60
C TYR C 160 26.58 4.91 12.00
N ASN C 161 25.57 4.13 12.32
CA ASN C 161 24.23 4.66 12.33
C ASN C 161 23.92 5.12 13.73
N PRO C 162 23.77 6.43 13.92
CA PRO C 162 23.42 6.84 15.29
C PRO C 162 22.14 6.23 15.73
N GLN C 163 21.27 5.90 14.78
CA GLN C 163 19.96 5.40 15.13
C GLN C 163 20.12 3.87 15.34
N THR C 164 20.47 3.47 16.54
CA THR C 164 20.85 2.11 16.80
C THR C 164 19.62 1.21 16.87
N GLU C 165 18.39 1.71 17.09
CA GLU C 165 17.20 0.80 17.21
C GLU C 165 16.76 0.21 15.86
N LEU C 166 17.49 0.54 14.82
CA LEU C 166 17.06 0.32 13.43
C LEU C 166 17.41 -1.05 12.87
N ALA C 167 18.59 -1.58 13.23
CA ALA C 167 19.02 -2.94 12.87
C ALA C 167 17.93 -3.96 13.25
N GLN C 168 17.51 -3.93 14.50
CA GLN C 168 16.41 -4.75 14.97
C GLN C 168 15.11 -4.50 14.18
N LEU C 169 14.77 -3.26 13.88
CA LEU C 169 13.49 -3.01 13.23
C LEU C 169 13.55 -3.60 11.81
N MET C 170 14.67 -3.40 11.12
CA MET C 170 14.88 -4.06 9.83
C MET C 170 14.79 -5.58 9.98
N ASN C 171 15.29 -6.09 11.10
CA ASN C 171 15.17 -7.50 11.29
C ASN C 171 13.70 -7.89 11.39
N LYS C 172 12.98 -7.26 12.30
CA LYS C 172 11.56 -7.49 12.44
C LYS C 172 10.80 -7.53 11.10
N PHE C 173 11.22 -6.80 10.08
CA PHE C 173 10.49 -6.74 8.80
C PHE C 173 11.17 -7.59 7.73
N HIS C 174 11.99 -8.55 8.19
CA HIS C 174 12.74 -9.46 7.31
C HIS C 174 13.54 -8.78 6.18
N PHE C 175 14.10 -7.61 6.45
CA PHE C 175 15.16 -7.06 5.57
C PHE C 175 16.34 -8.04 5.47
N LEU C 176 16.84 -8.26 4.27
CA LEU C 176 17.99 -9.19 4.15
C LEU C 176 19.31 -8.64 4.67
N ALA C 177 19.68 -7.44 4.27
CA ALA C 177 21.04 -6.98 4.43
C ALA C 177 21.14 -5.46 4.14
N VAL C 178 22.28 -4.86 4.50
CA VAL C 178 22.48 -3.45 4.32
C VAL C 178 23.68 -3.12 3.43
N GLU C 179 23.54 -2.16 2.55
CA GLU C 179 24.69 -1.65 1.83
C GLU C 179 24.41 -0.17 1.69
N MET C 180 24.92 0.50 0.65
CA MET C 180 24.76 1.95 0.61
C MET C 180 24.49 2.52 -0.77
N GLU C 181 24.02 1.72 -1.74
CA GLU C 181 23.90 2.26 -3.10
C GLU C 181 22.59 1.90 -3.88
N SER C 182 21.96 0.78 -3.58
CA SER C 182 20.93 0.33 -4.51
C SER C 182 19.73 1.23 -4.64
N ALA C 183 19.26 1.75 -3.51
CA ALA C 183 18.12 2.61 -3.51
C ALA C 183 18.40 3.84 -4.38
N GLY C 184 19.67 4.20 -4.59
CA GLY C 184 19.96 5.33 -5.47
C GLY C 184 19.79 4.94 -6.94
N LEU C 185 20.23 3.71 -7.25
CA LEU C 185 20.39 3.17 -8.61
C LEU C 185 19.05 2.94 -9.30
N PHE C 186 18.22 2.18 -8.59
CA PHE C 186 17.09 1.56 -9.20
C PHE C 186 16.18 2.60 -9.86
N PRO C 187 15.96 3.74 -9.16
CA PRO C 187 15.03 4.76 -9.71
C PRO C 187 15.64 5.53 -10.87
N ILE C 188 16.96 5.61 -10.91
CA ILE C 188 17.59 6.22 -12.06
C ILE C 188 17.35 5.33 -13.31
N ALA C 189 17.60 4.03 -13.09
CA ALA C 189 17.26 3.03 -14.09
C ALA C 189 15.81 3.25 -14.60
N ASP C 190 14.83 3.28 -13.69
CA ASP C 190 13.46 3.51 -14.13
C ASP C 190 13.39 4.79 -14.93
N LEU C 191 14.00 5.85 -14.44
CA LEU C 191 13.87 7.15 -15.06
C LEU C 191 14.35 7.17 -16.53
N TYR C 192 15.35 6.35 -16.86
CA TYR C 192 15.83 6.37 -18.23
C TYR C 192 15.27 5.20 -19.09
N GLY C 193 14.09 4.70 -18.71
CA GLY C 193 13.65 3.40 -19.18
C GLY C 193 14.72 2.34 -19.31
N ALA C 194 15.72 2.25 -18.43
CA ALA C 194 16.74 1.19 -18.58
C ALA C 194 16.59 0.16 -17.48
N ARG C 195 17.60 -0.63 -17.17
CA ARG C 195 17.36 -1.61 -16.13
C ARG C 195 18.54 -1.76 -15.19
N ALA C 196 18.28 -2.19 -13.96
CA ALA C 196 19.35 -2.32 -12.97
C ALA C 196 19.02 -3.43 -12.03
N GLY C 197 20.05 -3.96 -11.38
CA GLY C 197 19.83 -4.95 -10.33
C GLY C 197 21.03 -5.00 -9.40
N CYS C 198 20.98 -5.84 -8.36
CA CYS C 198 22.08 -5.87 -7.41
C CYS C 198 22.39 -7.21 -6.77
N ILE C 199 23.65 -7.43 -6.45
CA ILE C 199 24.10 -8.67 -5.84
C ILE C 199 25.62 -8.76 -5.82
N CYS C 200 26.18 -9.18 -4.70
CA CYS C 200 25.38 -9.56 -3.54
C CYS C 200 26.16 -10.57 -2.68
N THR C 201 26.96 -10.05 -1.76
CA THR C 201 27.76 -10.92 -0.88
C THR C 201 28.00 -10.40 0.53
N VAL C 202 27.71 -11.24 1.52
CA VAL C 202 27.86 -10.92 2.93
C VAL C 202 29.28 -10.92 3.49
N SER C 203 29.77 -9.72 3.76
CA SER C 203 31.08 -9.48 4.27
C SER C 203 31.07 -9.03 5.72
N ASP C 204 30.17 -9.56 6.54
CA ASP C 204 29.97 -9.16 7.98
C ASP C 204 28.49 -9.20 8.45
N HIS C 205 28.22 -9.50 9.70
CA HIS C 205 26.84 -9.50 10.12
C HIS C 205 26.55 -8.35 11.08
N ILE C 206 25.63 -7.47 10.75
CA ILE C 206 25.42 -6.36 11.63
C ILE C 206 24.61 -6.68 12.88
N LEU C 207 24.38 -7.94 13.22
CA LEU C 207 23.60 -8.12 14.45
C LEU C 207 24.37 -8.96 15.44
N HIS C 208 25.56 -9.38 15.01
CA HIS C 208 26.50 -10.13 15.84
C HIS C 208 27.75 -10.41 15.01
N ASN C 219 36.25 -17.24 -2.60
CA ASN C 219 35.03 -17.99 -2.88
C ASN C 219 33.87 -17.07 -3.21
N SER C 220 33.20 -16.57 -2.18
CA SER C 220 32.07 -15.66 -2.37
C SER C 220 32.34 -14.67 -3.47
N PHE C 221 33.42 -13.90 -3.36
CA PHE C 221 33.66 -13.01 -4.46
C PHE C 221 33.51 -13.76 -5.81
N GLN C 222 34.11 -14.94 -5.89
CA GLN C 222 34.12 -15.73 -7.15
C GLN C 222 32.73 -16.16 -7.58
N ASN C 223 32.00 -16.80 -6.67
CA ASN C 223 30.61 -17.17 -6.92
C ASN C 223 29.74 -15.98 -7.38
N MET C 224 29.84 -14.88 -6.64
CA MET C 224 29.01 -13.75 -6.93
C MET C 224 29.27 -13.25 -8.32
N MET C 225 30.53 -13.28 -8.73
CA MET C 225 30.94 -12.76 -10.04
C MET C 225 30.55 -13.63 -11.24
N LYS C 226 30.45 -14.94 -10.96
CA LYS C 226 30.14 -15.88 -12.02
C LYS C 226 28.64 -15.73 -12.29
N ILE C 227 27.86 -15.66 -11.20
CA ILE C 227 26.43 -15.39 -11.29
C ILE C 227 26.21 -14.07 -11.99
N ALA C 228 26.91 -13.02 -11.56
CA ALA C 228 26.66 -11.73 -12.23
C ALA C 228 26.99 -11.81 -13.73
N LEU C 229 28.14 -12.40 -14.04
CA LEU C 229 28.54 -12.54 -15.43
C LEU C 229 27.62 -13.49 -16.26
N GLU C 230 27.34 -14.69 -15.73
CA GLU C 230 26.37 -15.54 -16.40
C GLU C 230 25.09 -14.73 -16.69
N ALA C 231 24.63 -13.95 -15.69
CA ALA C 231 23.38 -13.21 -15.81
C ALA C 231 23.48 -12.10 -16.86
N ALA C 232 24.58 -11.35 -16.79
CA ALA C 232 24.85 -10.37 -17.81
C ALA C 232 24.50 -10.94 -19.19
N ILE C 233 25.04 -12.14 -19.47
CA ILE C 233 24.82 -12.88 -20.73
C ILE C 233 23.33 -13.04 -21.13
N LYS C 234 22.53 -13.70 -20.31
CA LYS C 234 21.08 -13.71 -20.58
C LYS C 234 20.53 -12.34 -20.87
N LEU C 235 20.81 -11.31 -20.07
CA LEU C 235 20.20 -9.97 -20.35
C LEU C 235 20.40 -9.43 -21.78
#